data_7M5X
#
_entry.id   7M5X
#
_cell.length_a   1.00
_cell.length_b   1.00
_cell.length_c   1.00
_cell.angle_alpha   90.00
_cell.angle_beta   90.00
_cell.angle_gamma   90.00
#
_symmetry.space_group_name_H-M   'P 1'
#
loop_
_entity.id
_entity.type
_entity.pdbx_description
1 polymer 'Polyamine-transporting ATPase 13A2'
2 non-polymer 'MAGNESIUM ION'
3 non-polymer 'BERYLLIUM TRIFLUORIDE ION'
4 non-polymer 'CHOLESTEROL HEMISUCCINATE'
5 non-polymer DODECYL-BETA-D-MALTOSIDE
6 non-polymer CHOLESTEROL
7 non-polymer DECANE
8 non-polymer TETRADECANE
9 non-polymer DODECANE
10 non-polymer 2-acetamido-2-deoxy-beta-D-glucopyranose
11 non-polymer 'SPERMINE (FULLY PROTONATED FORM)'
12 non-polymer '(2R)-3-{[(S)-hydroxy{[(1S,2R,3R,4S,5S,6R)-2,4,6-trihydroxy-3,5-bis(phosphonooxy)cyclohexyl]oxy}phosphoryl]oxy}propane-1,2-diyl dioctanoate'
13 water water
#
_entity_poly.entity_id   1
_entity_poly.type   'polypeptide(L)'
_entity_poly.pdbx_seq_one_letter_code
;MSADSSPLVGSTPTGYGTLTIGTSIDPLSSSVSSVRLSGYCGSPWRVIGYHVVVWMMAGIPLLLFRWKPLWGVRLRLRPC
NLAHAETLVIEIRDKEDSSWQLFTVQVQTEAIGEGSLEPSPQSQAEDGRSQAAVGAVPEGAWKDTAQLHKSEEAVSVGQK
RVLRYYLFQGQRYIWIETQQAFYQVSLLDHGRSCDDVHRSRHGLSLQDQMVRKAIYGPNVISIPVKSYPQLLVDEALNPY
YGFQAFSIALWLADHYYWYALCIFLISSISICLSLYKTRKQSQTLRDMVKLSMRVCVCRPGGEEEWVDSSELVPGDCLVL
PQEGGLMPCDAALVAGECMVNESSLTGESIPVLKTALPEGLGPYCAETHRRHTLFCGTLILQARAYVGPHVLAVVTRTGF
CTAKGGLVSSILHPRPINFKFYKHSMKFVAALSVLALLGTIYSIFILYRNRVPLNEIVIRALDLVTVVVPPALPAAMTVC
TLYAQSRLRRQGIFCIHPLRINLGGKLQLVCFDKTGTLTEDGLDVMGVVPLKGQAFLPLVPEPRRLPVGPLLRALATCHA
LSRLQDTPVGDPMDLKMVESTGWVLEEEPAADSAFGTQVLAVMRPPLWEPQLQAMEEPPVPVSVLHRFPFSSALQRMSVV
VAWPGATQPEAYVKGSPELVAGLCNPETVPTDFAQMLQSYTAAGYRVVALASKPLPTVPSLEAAQQLTRDTVEGDLSLLG
LLVMRNLLKPQTTPVIQALRRTRIRAVMVTGDNLQTAVTVARGCGMVAPQEHLIIVHATHPERGQPASLEFLPMESPTAV
NGVKDPDQAASYTVEPDPRSRHLALSGPTFGIIVKHFPKLLPKVLVQGTVFARMAPEQKTELVCELQKLQYCVGMCGDGA
NDCGALKAADVGISLSQAEASVVSPFTSSMASIECVPMVIREGRCSLDTSFSVFKYMALYSLTQFISVLILYTINTNLGD
LQFLAIDLVITTTVAVLMSRTGPALVLGRVRPPGALLSVPVLSSLLLQMVLVTGVQLGGYFLTLAQPWFVPLNRTVAAPD
NLPNYENTVVFSLSSFQYLILAAAVSKGAPFRRPLYTNVPFLVALALLSSVLVGLVLVPGLLQGPLALRNITDTGFKLLL
LGLVTLNFVGAFMLESVLDQCLPACLRRLRPKRASKKRFKQLERELAEQPWPPLPAGPLRSNSLEVLFQ
;
_entity_poly.pdbx_strand_id   A
#
# COMPACT_ATOMS: atom_id res chain seq x y z
N VAL A 35 -1.11 26.72 -9.90
CA VAL A 35 -2.55 26.60 -10.08
C VAL A 35 -2.97 27.26 -11.39
N ARG A 36 -2.18 28.22 -11.85
CA ARG A 36 -2.49 28.93 -13.08
C ARG A 36 -2.41 27.95 -14.26
N LEU A 37 -2.90 28.41 -15.41
CA LEU A 37 -2.98 27.56 -16.59
C LEU A 37 -2.96 28.45 -17.84
N SER A 38 -2.88 27.80 -18.99
CA SER A 38 -2.91 28.49 -20.28
C SER A 38 -3.47 27.54 -21.32
N GLY A 39 -3.96 28.13 -22.42
CA GLY A 39 -4.53 27.38 -23.52
C GLY A 39 -3.82 27.62 -24.83
N TYR A 40 -3.31 26.55 -25.44
CA TYR A 40 -2.57 26.63 -26.70
C TYR A 40 -3.52 26.27 -27.83
N CYS A 41 -3.82 27.26 -28.66
CA CYS A 41 -4.74 27.08 -29.78
C CYS A 41 -4.21 26.04 -30.76
N TRP A 45 -0.13 21.49 -39.06
CA TRP A 45 1.07 21.89 -39.78
C TRP A 45 2.31 21.75 -38.90
N ARG A 46 2.28 22.44 -37.75
CA ARG A 46 3.43 22.41 -36.84
C ARG A 46 3.70 21.02 -36.29
N VAL A 47 2.67 20.16 -36.21
CA VAL A 47 2.88 18.81 -35.71
C VAL A 47 3.81 18.03 -36.64
N ILE A 48 3.67 18.24 -37.94
CA ILE A 48 4.53 17.56 -38.91
C ILE A 48 5.98 17.96 -38.69
N GLY A 49 6.23 19.27 -38.51
CA GLY A 49 7.58 19.71 -38.21
C GLY A 49 8.08 19.18 -36.88
N TYR A 50 7.22 19.19 -35.86
CA TYR A 50 7.61 18.66 -34.56
C TYR A 50 7.91 17.16 -34.64
N HIS A 51 7.10 16.41 -35.39
CA HIS A 51 7.33 14.98 -35.51
C HIS A 51 8.68 14.70 -36.17
N VAL A 52 9.01 15.44 -37.22
CA VAL A 52 10.31 15.27 -37.86
C VAL A 52 11.42 15.71 -36.92
N VAL A 53 11.25 16.85 -36.26
CA VAL A 53 12.29 17.36 -35.37
C VAL A 53 12.48 16.42 -34.18
N VAL A 54 11.37 15.92 -33.63
CA VAL A 54 11.46 15.00 -32.49
C VAL A 54 12.15 13.70 -32.91
N TRP A 55 11.76 13.15 -34.05
CA TRP A 55 12.38 11.92 -34.52
C TRP A 55 13.81 12.15 -34.98
N MET A 56 14.10 13.31 -35.57
CA MET A 56 15.44 13.58 -36.09
C MET A 56 16.45 13.76 -34.96
N MET A 57 16.04 14.41 -33.87
CA MET A 57 16.98 14.68 -32.78
C MET A 57 17.49 13.38 -32.15
N ALA A 58 16.57 12.44 -31.90
CA ALA A 58 16.90 11.13 -31.33
C ALA A 58 17.25 11.18 -29.85
N GLY A 59 17.32 12.37 -29.27
CA GLY A 59 17.57 12.52 -27.85
C GLY A 59 16.73 13.58 -27.18
N ILE A 60 15.94 14.31 -27.96
CA ILE A 60 15.10 15.39 -27.44
C ILE A 60 14.03 14.79 -26.52
N PRO A 61 13.66 13.52 -26.72
CA PRO A 61 12.71 12.90 -25.79
C PRO A 61 13.19 12.92 -24.34
N LEU A 62 14.48 12.71 -24.10
CA LEU A 62 15.02 12.85 -22.77
C LEU A 62 14.92 14.29 -22.29
N LEU A 63 15.29 15.25 -23.16
CA LEU A 63 15.16 16.66 -22.82
C LEU A 63 13.70 17.03 -22.56
N LEU A 64 12.79 16.54 -23.41
CA LEU A 64 11.38 16.72 -23.15
C LEU A 64 10.97 16.00 -21.86
N PHE A 65 11.46 14.77 -21.68
CA PHE A 65 11.23 14.06 -20.43
C PHE A 65 12.09 14.60 -19.30
N ARG A 66 13.05 15.47 -19.59
CA ARG A 66 13.88 16.10 -18.56
C ARG A 66 13.08 17.22 -17.91
N TRP A 67 13.78 18.10 -17.18
CA TRP A 67 13.11 19.14 -16.41
C TRP A 67 12.28 20.06 -17.30
N LYS A 68 12.76 20.36 -18.50
CA LYS A 68 12.07 21.30 -19.38
C LYS A 68 11.24 20.55 -20.42
N PRO A 69 9.97 20.24 -20.12
CA PRO A 69 9.08 19.67 -21.15
C PRO A 69 8.19 20.71 -21.80
N LEU A 70 8.20 21.94 -21.28
CA LEU A 70 7.29 22.96 -21.78
C LEU A 70 7.57 23.31 -23.23
N TRP A 71 8.84 23.37 -23.60
CA TRP A 71 9.20 23.67 -24.98
C TRP A 71 8.63 22.63 -25.94
N GLY A 72 8.70 21.35 -25.56
CA GLY A 72 8.12 20.32 -26.40
C GLY A 72 6.64 20.49 -26.60
N VAL A 73 5.92 20.94 -25.57
CA VAL A 73 4.51 21.25 -25.72
C VAL A 73 4.33 22.61 -26.38
N ARG A 74 5.23 23.54 -26.12
CA ARG A 74 5.10 24.89 -26.68
C ARG A 74 5.14 24.86 -28.20
N LEU A 75 6.06 24.08 -28.78
CA LEU A 75 6.17 24.01 -30.23
C LEU A 75 5.02 23.22 -30.84
N ARG A 76 4.68 22.07 -30.26
CA ARG A 76 3.64 21.22 -30.83
C ARG A 76 2.26 21.84 -30.64
N LEU A 77 1.96 22.32 -29.44
CA LEU A 77 0.67 22.91 -29.17
C LEU A 77 0.46 24.22 -29.91
N ARG A 78 1.54 24.89 -30.30
CA ARG A 78 1.44 26.16 -31.02
C ARG A 78 0.74 27.21 -30.17
N PRO A 79 1.36 27.65 -29.06
CA PRO A 79 0.79 28.67 -28.16
C PRO A 79 0.45 29.97 -28.88
N LEU A 82 -6.17 31.71 -26.46
CA LEU A 82 -6.94 32.21 -25.34
C LEU A 82 -7.62 31.06 -24.59
N ALA A 83 -8.05 31.32 -23.36
CA ALA A 83 -8.79 30.31 -22.62
C ALA A 83 -10.13 30.00 -23.29
N HIS A 84 -10.82 31.03 -23.77
CA HIS A 84 -12.09 30.82 -24.43
C HIS A 84 -11.94 30.00 -25.70
N ALA A 85 -10.87 30.25 -26.47
CA ALA A 85 -10.62 29.56 -27.73
C ALA A 85 -9.33 28.76 -27.57
N GLU A 86 -9.48 27.45 -27.37
CA GLU A 86 -8.33 26.56 -27.21
C GLU A 86 -8.74 25.16 -27.63
N THR A 87 -7.72 24.32 -27.84
CA THR A 87 -7.92 22.89 -28.11
C THR A 87 -7.02 22.02 -27.25
N LEU A 88 -6.24 22.62 -26.35
CA LEU A 88 -5.39 21.86 -25.43
C LEU A 88 -4.94 22.79 -24.32
N VAL A 89 -5.06 22.37 -23.07
CA VAL A 89 -4.80 23.21 -21.91
C VAL A 89 -3.64 22.63 -21.12
N ILE A 90 -2.84 23.53 -20.54
CA ILE A 90 -1.73 23.16 -19.67
C ILE A 90 -1.90 23.91 -18.35
N GLU A 91 -1.71 23.19 -17.23
CA GLU A 91 -1.86 23.78 -15.90
C GLU A 91 -0.67 23.42 -15.03
N ILE A 92 -0.22 24.38 -14.24
CA ILE A 92 0.83 24.17 -13.24
C ILE A 92 0.19 24.10 -11.87
N ARG A 93 0.63 23.14 -11.06
CA ARG A 93 0.10 22.92 -9.71
C ARG A 93 1.18 23.32 -8.73
N ASP A 94 1.21 24.60 -8.38
CA ASP A 94 2.17 25.13 -7.42
C ASP A 94 1.49 25.43 -6.09
N GLN A 101 4.34 19.29 -11.41
CA GLN A 101 3.43 20.42 -11.31
C GLN A 101 2.69 20.64 -12.62
N LEU A 102 3.41 20.45 -13.73
CA LEU A 102 2.82 20.64 -15.05
C LEU A 102 1.93 19.45 -15.41
N PHE A 103 0.81 19.76 -16.07
CA PHE A 103 -0.11 18.75 -16.55
C PHE A 103 -0.79 19.24 -17.81
N THR A 104 -0.95 18.35 -18.78
CA THR A 104 -1.54 18.67 -20.07
C THR A 104 -2.83 17.87 -20.25
N VAL A 105 -3.86 18.54 -20.78
CA VAL A 105 -5.15 17.91 -20.99
C VAL A 105 -5.72 18.42 -22.32
N GLN A 106 -6.64 17.65 -22.89
CA GLN A 106 -7.31 18.00 -24.12
C GLN A 106 -8.66 18.62 -23.80
N VAL A 107 -9.00 19.71 -24.48
CA VAL A 107 -10.26 20.39 -24.24
C VAL A 107 -11.34 19.69 -25.05
N GLN A 108 -11.94 18.66 -24.47
CA GLN A 108 -12.99 17.92 -25.14
C GLN A 108 -14.20 18.81 -25.36
N THR A 109 -15.10 18.37 -26.23
CA THR A 109 -16.27 19.15 -26.58
C THR A 109 -17.42 18.21 -26.96
N GLU A 110 -18.63 18.74 -26.89
CA GLU A 110 -19.83 18.00 -27.23
C GLU A 110 -20.92 19.00 -27.57
N ALA A 111 -21.95 18.51 -28.27
CA ALA A 111 -23.03 19.35 -28.77
C ALA A 111 -24.33 19.02 -28.06
N ILE A 112 -25.05 20.07 -27.64
CA ILE A 112 -26.32 19.93 -26.95
C ILE A 112 -27.40 20.69 -27.71
N ARG A 161 -26.08 26.48 -26.96
CA ARG A 161 -26.11 25.10 -27.41
C ARG A 161 -24.72 24.59 -27.77
N VAL A 162 -23.72 25.08 -27.04
CA VAL A 162 -22.33 24.70 -27.25
C VAL A 162 -21.69 24.45 -25.89
N LEU A 163 -20.85 23.41 -25.81
CA LEU A 163 -20.20 23.03 -24.56
C LEU A 163 -18.73 22.75 -24.83
N ARG A 164 -17.89 23.18 -23.90
CA ARG A 164 -16.46 22.89 -23.94
C ARG A 164 -16.04 22.44 -22.54
N TYR A 165 -15.53 21.23 -22.43
CA TYR A 165 -15.23 20.64 -21.13
C TYR A 165 -13.94 19.84 -21.22
N TYR A 166 -13.36 19.58 -20.05
CA TYR A 166 -12.16 18.77 -19.96
C TYR A 166 -12.13 18.06 -18.61
N LEU A 167 -11.52 16.89 -18.61
CA LEU A 167 -11.38 16.08 -17.40
C LEU A 167 -9.97 16.21 -16.85
N PHE A 168 -9.86 16.12 -15.53
CA PHE A 168 -8.56 16.21 -14.87
C PHE A 168 -8.69 15.57 -13.50
N GLN A 169 -7.88 14.54 -13.25
CA GLN A 169 -7.92 13.80 -11.99
C GLN A 169 -9.31 13.22 -11.73
N GLY A 170 -10.02 12.87 -12.80
CA GLY A 170 -11.36 12.33 -12.68
C GLY A 170 -12.44 13.36 -12.47
N GLN A 171 -12.08 14.64 -12.37
CA GLN A 171 -13.04 15.72 -12.15
C GLN A 171 -13.26 16.47 -13.45
N ARG A 172 -14.52 16.71 -13.78
CA ARG A 172 -14.88 17.42 -14.99
C ARG A 172 -14.95 18.91 -14.74
N TYR A 173 -14.59 19.68 -15.76
CA TYR A 173 -14.72 21.14 -15.76
C TYR A 173 -15.35 21.55 -17.07
N ILE A 174 -16.24 22.54 -17.02
CA ILE A 174 -16.97 23.02 -18.19
C ILE A 174 -16.68 24.50 -18.38
N TRP A 175 -16.67 24.93 -19.64
CA TRP A 175 -16.45 26.33 -19.98
C TRP A 175 -17.77 27.07 -19.97
N ILE A 176 -17.77 28.26 -19.38
CA ILE A 176 -18.95 29.11 -19.26
C ILE A 176 -18.64 30.44 -19.93
N GLU A 177 -19.57 30.89 -20.77
CA GLU A 177 -19.41 32.14 -21.51
C GLU A 177 -19.75 33.37 -20.69
N THR A 178 -20.54 33.22 -19.62
CA THR A 178 -20.90 34.39 -18.81
C THR A 178 -19.66 35.05 -18.22
N GLN A 179 -18.76 34.24 -17.68
CA GLN A 179 -17.46 34.71 -17.19
C GLN A 179 -16.33 34.29 -18.11
N GLN A 180 -16.62 33.59 -19.21
CA GLN A 180 -15.61 33.19 -20.19
C GLN A 180 -14.47 32.42 -19.53
N ALA A 181 -14.83 31.44 -18.71
CA ALA A 181 -13.82 30.71 -17.96
C ALA A 181 -14.34 29.32 -17.62
N PHE A 182 -13.41 28.45 -17.22
CA PHE A 182 -13.77 27.08 -16.85
C PHE A 182 -14.12 27.01 -15.38
N TYR A 183 -15.11 26.17 -15.07
CA TYR A 183 -15.63 25.99 -13.73
C TYR A 183 -15.83 24.50 -13.49
N GLN A 184 -15.45 24.03 -12.30
CA GLN A 184 -15.64 22.63 -11.96
C GLN A 184 -17.13 22.34 -11.82
N VAL A 185 -17.57 21.25 -12.47
CA VAL A 185 -19.00 20.95 -12.47
C VAL A 185 -19.48 20.56 -11.07
N SER A 186 -18.60 19.98 -10.24
CA SER A 186 -18.99 19.56 -8.92
C SER A 186 -19.48 20.70 -8.05
N LEU A 187 -19.07 21.94 -8.36
CA LEU A 187 -19.49 23.12 -7.63
C LEU A 187 -20.55 23.92 -8.38
N LEU A 188 -21.17 23.34 -9.40
CA LEU A 188 -22.15 24.10 -10.20
C LEU A 188 -23.31 24.56 -9.34
N ASP A 189 -23.83 23.68 -8.49
CA ASP A 189 -24.92 23.98 -7.56
C ASP A 189 -24.39 23.77 -6.15
N HIS A 190 -23.79 24.82 -5.59
CA HIS A 190 -23.20 24.78 -4.26
C HIS A 190 -24.15 25.43 -3.26
N GLY A 191 -24.37 24.77 -2.13
CA GLY A 191 -25.21 25.31 -1.09
C GLY A 191 -26.68 25.43 -1.48
N ARG A 192 -27.22 24.38 -2.10
CA ARG A 192 -28.65 24.35 -2.39
C ARG A 192 -29.44 24.32 -1.10
N SER A 193 -30.54 25.07 -1.07
CA SER A 193 -31.42 25.08 0.08
C SER A 193 -32.22 23.79 0.15
N CYS A 194 -32.49 23.34 1.38
CA CYS A 194 -33.27 22.12 1.55
C CYS A 194 -34.64 22.24 0.91
N ASP A 195 -35.23 23.44 0.95
CA ASP A 195 -36.49 23.65 0.24
C ASP A 195 -36.30 23.57 -1.27
N ASP A 196 -35.17 24.06 -1.79
CA ASP A 196 -34.90 23.91 -3.21
C ASP A 196 -34.77 22.44 -3.58
N VAL A 197 -34.15 21.64 -2.71
CA VAL A 197 -34.07 20.21 -2.94
C VAL A 197 -35.46 19.59 -2.94
N HIS A 198 -36.28 19.97 -1.96
CA HIS A 198 -37.63 19.42 -1.88
C HIS A 198 -38.47 19.81 -3.09
N ARG A 199 -38.20 20.98 -3.68
CA ARG A 199 -38.93 21.39 -4.87
C ARG A 199 -38.73 20.41 -6.01
N SER A 200 -37.65 19.66 -5.99
CA SER A 200 -37.40 18.58 -6.94
C SER A 200 -37.99 17.25 -6.48
N ARG A 201 -39.04 17.29 -5.66
CA ARG A 201 -39.75 16.07 -5.27
C ARG A 201 -40.16 15.30 -6.51
N HIS A 202 -40.77 15.99 -7.47
CA HIS A 202 -40.98 15.40 -8.77
C HIS A 202 -39.65 15.28 -9.51
N GLY A 203 -39.62 14.36 -10.47
CA GLY A 203 -38.38 14.07 -11.16
C GLY A 203 -37.92 15.20 -12.06
N LEU A 204 -37.15 14.84 -13.10
CA LEU A 204 -36.53 15.80 -14.00
C LEU A 204 -37.06 15.55 -15.41
N SER A 205 -37.40 16.62 -16.11
CA SER A 205 -37.93 16.49 -17.46
C SER A 205 -36.89 15.89 -18.38
N LEU A 206 -37.37 15.18 -19.42
CA LEU A 206 -36.47 14.46 -20.31
C LEU A 206 -35.50 15.41 -21.02
N GLN A 207 -35.99 16.58 -21.46
CA GLN A 207 -35.10 17.56 -22.08
C GLN A 207 -34.06 18.04 -21.07
N ASP A 208 -34.52 18.38 -19.87
CA ASP A 208 -33.59 18.78 -18.81
C ASP A 208 -32.65 17.63 -18.46
N GLN A 209 -33.16 16.40 -18.51
CA GLN A 209 -32.30 15.24 -18.28
C GLN A 209 -31.19 15.19 -19.33
N MET A 210 -31.53 15.40 -20.60
CA MET A 210 -30.52 15.36 -21.66
C MET A 210 -29.47 16.43 -21.47
N VAL A 211 -29.90 17.68 -21.25
CA VAL A 211 -28.91 18.75 -21.14
C VAL A 211 -28.06 18.56 -19.89
N ARG A 212 -28.67 18.13 -18.79
CA ARG A 212 -27.91 17.95 -17.56
C ARG A 212 -26.96 16.77 -17.65
N LYS A 213 -27.32 15.73 -18.39
CA LYS A 213 -26.38 14.64 -18.62
C LYS A 213 -25.22 15.11 -19.48
N ALA A 214 -25.50 15.93 -20.50
CA ALA A 214 -24.41 16.48 -21.29
C ALA A 214 -23.48 17.33 -20.44
N ILE A 215 -24.04 18.01 -19.43
CA ILE A 215 -23.21 18.83 -18.55
C ILE A 215 -22.39 17.94 -17.62
N TYR A 216 -23.06 17.17 -16.77
CA TYR A 216 -22.36 16.37 -15.76
C TYR A 216 -21.70 15.14 -16.38
N GLY A 217 -22.38 14.47 -17.30
CA GLY A 217 -21.85 13.28 -17.94
C GLY A 217 -22.48 12.01 -17.39
N PRO A 218 -22.02 10.86 -17.86
CA PRO A 218 -22.57 9.59 -17.38
C PRO A 218 -22.28 9.38 -15.90
N ASN A 219 -23.15 8.59 -15.27
CA ASN A 219 -23.01 8.27 -13.86
C ASN A 219 -21.94 7.22 -13.59
N VAL A 220 -21.37 6.60 -14.61
CA VAL A 220 -20.38 5.56 -14.40
C VAL A 220 -19.05 6.20 -13.97
N ILE A 221 -18.19 5.37 -13.39
CA ILE A 221 -16.81 5.74 -13.07
C ILE A 221 -15.92 4.95 -14.01
N SER A 222 -15.54 5.56 -15.14
CA SER A 222 -14.78 4.86 -16.15
C SER A 222 -13.30 4.89 -15.81
N ILE A 223 -12.68 3.72 -15.78
CA ILE A 223 -11.24 3.58 -15.58
C ILE A 223 -10.58 3.64 -16.96
N PRO A 224 -9.69 4.61 -17.23
CA PRO A 224 -9.11 4.65 -18.59
C PRO A 224 -8.06 3.59 -18.83
N VAL A 225 -8.53 2.38 -19.14
CA VAL A 225 -7.62 1.28 -19.46
C VAL A 225 -6.89 1.58 -20.76
N LYS A 226 -5.58 1.36 -20.77
CA LYS A 226 -4.72 1.73 -21.89
C LYS A 226 -4.27 0.50 -22.66
N SER A 227 -4.05 0.69 -23.96
CA SER A 227 -3.58 -0.38 -24.81
C SER A 227 -2.12 -0.72 -24.51
N TYR A 228 -1.69 -1.89 -24.98
CA TYR A 228 -0.34 -2.35 -24.69
C TYR A 228 0.73 -1.39 -25.19
N PRO A 229 0.68 -0.87 -26.41
CA PRO A 229 1.65 0.16 -26.79
C PRO A 229 1.58 1.40 -25.90
N GLN A 230 0.38 1.76 -25.46
CA GLN A 230 0.25 2.90 -24.55
C GLN A 230 0.98 2.62 -23.24
N LEU A 231 0.80 1.42 -22.69
CA LEU A 231 1.53 1.06 -21.48
C LEU A 231 3.03 1.05 -21.72
N LEU A 232 3.45 0.55 -22.87
CA LEU A 232 4.88 0.51 -23.20
C LEU A 232 5.47 1.92 -23.19
N VAL A 233 4.86 2.84 -23.92
CA VAL A 233 5.39 4.20 -23.98
C VAL A 233 5.25 4.92 -22.65
N ASP A 234 4.26 4.55 -21.82
CA ASP A 234 4.03 5.26 -20.57
C ASP A 234 4.94 4.78 -19.46
N GLU A 235 4.80 3.50 -19.07
CA GLU A 235 5.44 3.00 -17.85
C GLU A 235 6.70 2.19 -18.12
N ALA A 236 7.17 2.13 -19.36
CA ALA A 236 8.40 1.40 -19.70
C ALA A 236 9.36 2.29 -20.48
N LEU A 237 9.33 3.59 -20.23
CA LEU A 237 10.30 4.53 -20.79
C LEU A 237 11.55 4.65 -19.92
N ASN A 238 11.81 3.67 -19.08
CA ASN A 238 12.90 3.78 -18.11
C ASN A 238 14.23 3.90 -18.84
N PRO A 239 15.08 4.86 -18.48
CA PRO A 239 16.33 5.03 -19.23
C PRO A 239 17.28 3.85 -19.11
N TYR A 240 17.15 3.04 -18.06
CA TYR A 240 18.00 1.86 -17.95
C TYR A 240 17.72 0.88 -19.08
N TYR A 241 16.46 0.76 -19.50
CA TYR A 241 16.15 -0.10 -20.63
C TYR A 241 16.80 0.43 -21.91
N GLY A 242 16.81 1.74 -22.09
CA GLY A 242 17.52 2.31 -23.21
C GLY A 242 19.01 2.03 -23.18
N PHE A 243 19.61 2.14 -21.99
CA PHE A 243 21.02 1.80 -21.86
C PHE A 243 21.27 0.33 -22.18
N GLN A 244 20.37 -0.55 -21.73
CA GLN A 244 20.50 -1.97 -22.02
C GLN A 244 20.43 -2.22 -23.52
N ALA A 245 19.49 -1.57 -24.20
CA ALA A 245 19.39 -1.72 -25.65
C ALA A 245 20.65 -1.23 -26.34
N PHE A 246 21.19 -0.10 -25.88
CA PHE A 246 22.42 0.43 -26.47
C PHE A 246 23.57 -0.55 -26.28
N SER A 247 23.69 -1.11 -25.08
CA SER A 247 24.75 -2.07 -24.82
C SER A 247 24.58 -3.33 -25.68
N ILE A 248 23.35 -3.79 -25.82
CA ILE A 248 23.09 -4.94 -26.69
C ILE A 248 23.55 -4.64 -28.11
N ALA A 249 23.13 -3.49 -28.65
CA ALA A 249 23.47 -3.15 -30.02
C ALA A 249 24.99 -3.05 -30.18
N LEU A 250 25.66 -2.47 -29.20
CA LEU A 250 27.12 -2.41 -29.25
C LEU A 250 27.73 -3.80 -29.25
N TRP A 251 27.18 -4.71 -28.44
CA TRP A 251 27.76 -6.05 -28.35
C TRP A 251 27.57 -6.82 -29.65
N LEU A 252 26.41 -6.68 -30.31
CA LEU A 252 26.30 -7.27 -31.64
C LEU A 252 27.26 -6.61 -32.62
N ALA A 253 27.61 -5.35 -32.39
CA ALA A 253 28.63 -4.69 -33.18
C ALA A 253 30.04 -5.05 -32.74
N ASP A 254 30.19 -5.78 -31.64
CA ASP A 254 31.49 -6.25 -31.16
C ASP A 254 31.56 -7.77 -31.07
N HIS A 255 30.67 -8.47 -31.76
CA HIS A 255 30.68 -9.93 -31.86
C HIS A 255 30.46 -10.63 -30.53
N TYR A 256 29.90 -9.93 -29.54
CA TYR A 256 29.59 -10.53 -28.24
C TYR A 256 28.10 -10.89 -28.21
N TYR A 257 27.76 -11.92 -28.99
CA TYR A 257 26.36 -12.21 -29.28
C TYR A 257 25.65 -12.82 -28.07
N TRP A 258 26.30 -13.74 -27.37
CA TRP A 258 25.57 -14.60 -26.42
C TRP A 258 25.07 -13.80 -25.22
N TYR A 259 25.93 -13.01 -24.60
CA TYR A 259 25.49 -12.23 -23.45
C TYR A 259 24.49 -11.16 -23.86
N ALA A 260 24.65 -10.59 -25.05
CA ALA A 260 23.67 -9.62 -25.54
C ALA A 260 22.31 -10.28 -25.70
N LEU A 261 22.29 -11.51 -26.23
CA LEU A 261 21.04 -12.24 -26.36
C LEU A 261 20.42 -12.53 -25.00
N CYS A 262 21.25 -12.92 -24.03
CA CYS A 262 20.73 -13.18 -22.69
C CYS A 262 20.11 -11.93 -22.08
N ILE A 263 20.80 -10.79 -22.19
CA ILE A 263 20.28 -9.55 -21.62
C ILE A 263 19.00 -9.15 -22.34
N PHE A 264 18.97 -9.32 -23.65
CA PHE A 264 17.76 -8.99 -24.42
C PHE A 264 16.58 -9.84 -23.95
N LEU A 265 16.81 -11.14 -23.76
CA LEU A 265 15.74 -12.01 -23.29
C LEU A 265 15.25 -11.57 -21.91
N ILE A 266 16.18 -11.29 -21.00
CA ILE A 266 15.80 -10.88 -19.66
C ILE A 266 14.95 -9.62 -19.72
N SER A 267 15.43 -8.60 -20.43
CA SER A 267 14.73 -7.33 -20.46
C SER A 267 13.37 -7.46 -21.13
N SER A 268 13.30 -8.19 -22.24
CA SER A 268 12.03 -8.34 -22.94
C SER A 268 11.02 -9.08 -22.10
N ILE A 269 11.42 -10.17 -21.45
CA ILE A 269 10.48 -10.93 -20.63
C ILE A 269 10.02 -10.08 -19.44
N SER A 270 10.94 -9.35 -18.82
CA SER A 270 10.55 -8.50 -17.70
C SER A 270 9.56 -7.44 -18.13
N ILE A 271 9.82 -6.79 -19.27
CA ILE A 271 8.92 -5.75 -19.77
C ILE A 271 7.55 -6.33 -20.06
N CYS A 272 7.52 -7.47 -20.76
CA CYS A 272 6.24 -8.07 -21.13
C CYS A 272 5.43 -8.44 -19.89
N LEU A 273 6.08 -9.07 -18.91
CA LEU A 273 5.37 -9.43 -17.69
C LEU A 273 4.86 -8.19 -16.95
N SER A 274 5.68 -7.15 -16.89
CA SER A 274 5.26 -5.91 -16.24
C SER A 274 4.02 -5.33 -16.91
N LEU A 275 4.05 -5.18 -18.24
CA LEU A 275 2.89 -4.64 -18.93
C LEU A 275 1.67 -5.51 -18.74
N TYR A 276 1.84 -6.83 -18.81
CA TYR A 276 0.70 -7.72 -18.67
C TYR A 276 0.04 -7.55 -17.30
N LYS A 277 0.85 -7.55 -16.24
CA LYS A 277 0.25 -7.46 -14.91
C LYS A 277 -0.33 -6.09 -14.65
N THR A 278 0.28 -5.03 -15.16
CA THR A 278 -0.32 -3.71 -15.02
C THR A 278 -1.67 -3.63 -15.72
N ARG A 279 -1.76 -4.18 -16.93
CA ARG A 279 -3.03 -4.19 -17.64
C ARG A 279 -4.07 -5.01 -16.89
N LYS A 280 -3.66 -6.17 -16.35
CA LYS A 280 -4.59 -7.00 -15.61
C LYS A 280 -5.11 -6.28 -14.38
N GLN A 281 -4.22 -5.56 -13.67
CA GLN A 281 -4.63 -4.81 -12.51
C GLN A 281 -5.63 -3.72 -12.88
N SER A 282 -5.35 -2.99 -13.96
CA SER A 282 -6.27 -1.94 -14.40
C SER A 282 -7.62 -2.51 -14.79
N GLN A 283 -7.62 -3.64 -15.51
CA GLN A 283 -8.88 -4.27 -15.90
C GLN A 283 -9.67 -4.73 -14.68
N THR A 284 -8.99 -5.31 -13.69
CA THR A 284 -9.69 -5.76 -12.49
C THR A 284 -10.27 -4.58 -11.71
N LEU A 285 -9.52 -3.47 -11.65
CA LEU A 285 -10.07 -2.28 -11.00
C LEU A 285 -11.31 -1.77 -11.75
N ARG A 286 -11.25 -1.76 -13.08
CA ARG A 286 -12.39 -1.36 -13.87
C ARG A 286 -13.60 -2.26 -13.59
N ASP A 287 -13.36 -3.57 -13.46
CA ASP A 287 -14.44 -4.47 -13.11
C ASP A 287 -15.00 -4.16 -11.73
N MET A 288 -14.11 -3.87 -10.78
CA MET A 288 -14.56 -3.66 -9.40
C MET A 288 -15.45 -2.43 -9.31
N VAL A 289 -15.08 -1.34 -10.01
CA VAL A 289 -15.87 -0.11 -9.91
C VAL A 289 -17.08 -0.09 -10.82
N LYS A 290 -17.22 -1.06 -11.72
CA LYS A 290 -18.40 -1.09 -12.59
C LYS A 290 -19.65 -1.37 -11.77
N LEU A 291 -20.73 -0.67 -12.11
CA LEU A 291 -22.02 -0.84 -11.45
C LEU A 291 -23.12 -0.77 -12.49
N SER A 292 -24.14 -1.61 -12.32
CA SER A 292 -25.23 -1.69 -13.27
C SER A 292 -26.51 -2.08 -12.54
N MET A 293 -27.55 -1.26 -12.66
CA MET A 293 -28.84 -1.56 -12.04
C MET A 293 -29.93 -0.96 -12.91
N ARG A 294 -31.15 -1.44 -12.68
CA ARG A 294 -32.36 -0.86 -13.26
C ARG A 294 -33.00 0.00 -12.18
N VAL A 295 -32.97 1.32 -12.39
CA VAL A 295 -33.39 2.28 -11.38
C VAL A 295 -34.62 3.01 -11.90
N CYS A 296 -35.59 3.21 -11.02
CA CYS A 296 -36.79 3.94 -11.36
C CYS A 296 -36.59 5.43 -11.11
N VAL A 297 -37.09 6.23 -12.04
CA VAL A 297 -37.05 7.69 -11.91
C VAL A 297 -38.40 8.24 -12.35
N CYS A 298 -39.00 9.09 -11.53
CA CYS A 298 -40.27 9.69 -11.90
C CYS A 298 -40.02 10.86 -12.86
N ARG A 299 -41.11 11.34 -13.45
CA ARG A 299 -41.08 12.48 -14.34
C ARG A 299 -42.27 13.37 -14.05
N PRO A 300 -42.18 14.67 -14.36
CA PRO A 300 -43.35 15.54 -14.17
C PRO A 300 -44.55 15.14 -15.01
N GLY A 301 -44.33 14.37 -16.08
CA GLY A 301 -45.42 13.83 -16.87
C GLY A 301 -45.93 12.50 -16.37
N GLY A 302 -45.53 12.11 -15.15
CA GLY A 302 -46.00 10.87 -14.59
C GLY A 302 -45.39 9.66 -15.28
N GLU A 303 -45.95 8.49 -14.94
CA GLU A 303 -45.53 7.22 -15.53
C GLU A 303 -44.03 6.99 -15.29
N GLU A 304 -43.69 6.80 -14.01
CA GLU A 304 -42.30 6.72 -13.57
C GLU A 304 -41.52 5.70 -14.38
N GLU A 305 -40.55 6.18 -15.16
CA GLU A 305 -39.83 5.32 -16.09
C GLU A 305 -38.74 4.54 -15.35
N TRP A 306 -38.22 3.54 -16.04
CA TRP A 306 -37.10 2.74 -15.56
C TRP A 306 -35.92 2.91 -16.51
N VAL A 307 -34.76 3.23 -15.97
CA VAL A 307 -33.56 3.54 -16.75
C VAL A 307 -32.38 2.81 -16.14
N ASP A 308 -31.22 2.97 -16.76
CA ASP A 308 -29.99 2.39 -16.25
C ASP A 308 -29.35 3.35 -15.24
N SER A 309 -28.47 2.80 -14.41
CA SER A 309 -27.75 3.63 -13.44
C SER A 309 -26.93 4.70 -14.13
N SER A 310 -26.46 4.42 -15.35
CA SER A 310 -25.61 5.37 -16.05
C SER A 310 -26.31 6.67 -16.39
N GLU A 311 -27.64 6.68 -16.47
CA GLU A 311 -28.38 7.84 -16.94
C GLU A 311 -28.70 8.84 -15.84
N LEU A 312 -28.52 8.48 -14.58
CA LEU A 312 -28.89 9.37 -13.49
C LEU A 312 -28.05 10.64 -13.50
N VAL A 313 -28.70 11.77 -13.24
CA VAL A 313 -28.02 13.06 -13.15
C VAL A 313 -28.50 13.78 -11.89
N PRO A 314 -27.74 14.69 -11.31
CA PRO A 314 -28.20 15.34 -10.07
C PRO A 314 -29.38 16.25 -10.29
N GLY A 315 -30.54 15.89 -9.75
CA GLY A 315 -31.73 16.71 -9.85
C GLY A 315 -32.99 15.89 -10.03
N ASP A 316 -32.87 14.71 -10.62
CA ASP A 316 -33.96 13.76 -10.61
C ASP A 316 -33.94 12.98 -9.30
N CYS A 317 -35.05 12.31 -9.01
CA CYS A 317 -35.19 11.54 -7.77
C CYS A 317 -35.45 10.08 -8.08
N LEU A 318 -34.75 9.21 -7.35
CA LEU A 318 -34.97 7.78 -7.43
C LEU A 318 -36.13 7.36 -6.54
N VAL A 319 -36.91 6.42 -7.05
CA VAL A 319 -37.91 5.69 -6.27
C VAL A 319 -37.18 4.49 -5.69
N LEU A 320 -36.74 4.61 -4.44
CA LEU A 320 -35.92 3.57 -3.84
C LEU A 320 -36.70 2.27 -3.75
N PRO A 321 -36.11 1.12 -4.09
CA PRO A 321 -36.89 -0.12 -4.10
C PRO A 321 -37.29 -0.52 -2.69
N GLN A 322 -38.45 -1.20 -2.60
CA GLN A 322 -38.94 -1.59 -1.29
C GLN A 322 -38.01 -2.58 -0.60
N GLU A 323 -37.32 -3.42 -1.38
CA GLU A 323 -36.45 -4.44 -0.79
C GLU A 323 -35.11 -3.85 -0.39
N GLY A 324 -34.37 -3.33 -1.35
CA GLY A 324 -33.06 -2.75 -1.05
C GLY A 324 -32.16 -2.79 -2.28
N GLY A 325 -30.86 -2.86 -2.01
CA GLY A 325 -29.85 -2.88 -3.05
C GLY A 325 -28.88 -1.72 -2.92
N LEU A 326 -27.79 -1.82 -3.68
CA LEU A 326 -26.77 -0.79 -3.65
C LEU A 326 -27.32 0.53 -4.17
N MET A 327 -26.73 1.63 -3.68
CA MET A 327 -27.18 2.95 -4.09
C MET A 327 -26.37 3.37 -5.31
N PRO A 328 -26.99 3.66 -6.46
CA PRO A 328 -26.19 4.00 -7.65
C PRO A 328 -25.32 5.23 -7.49
N CYS A 329 -25.71 6.17 -6.63
CA CYS A 329 -25.04 7.46 -6.54
C CYS A 329 -25.29 8.04 -5.14
N ASP A 330 -24.88 9.29 -4.95
CA ASP A 330 -25.24 10.02 -3.74
C ASP A 330 -26.60 10.67 -3.94
N ALA A 331 -27.41 10.68 -2.88
CA ALA A 331 -28.75 11.21 -2.95
C ALA A 331 -29.18 11.68 -1.56
N ALA A 332 -30.30 12.38 -1.52
CA ALA A 332 -30.88 12.86 -0.27
C ALA A 332 -32.31 12.35 -0.18
N LEU A 333 -32.63 11.68 0.93
CA LEU A 333 -34.01 11.25 1.14
C LEU A 333 -34.94 12.45 1.21
N VAL A 334 -36.02 12.40 0.44
CA VAL A 334 -37.00 13.47 0.42
C VAL A 334 -38.33 12.94 0.91
N ALA A 335 -38.55 11.63 0.83
CA ALA A 335 -39.77 11.03 1.34
C ALA A 335 -39.50 9.61 1.81
N GLY A 336 -39.79 9.34 3.07
CA GLY A 336 -39.67 8.02 3.66
C GLY A 336 -38.46 7.90 4.56
N GLU A 337 -38.34 6.71 5.15
CA GLU A 337 -37.20 6.35 5.99
C GLU A 337 -36.58 5.06 5.44
N CYS A 338 -35.29 4.89 5.70
CA CYS A 338 -34.58 3.72 5.21
C CYS A 338 -33.58 3.23 6.27
N MET A 339 -33.25 1.95 6.18
CA MET A 339 -32.19 1.34 6.96
C MET A 339 -31.11 0.91 5.98
N VAL A 340 -29.88 1.38 6.24
CA VAL A 340 -28.76 1.25 5.32
C VAL A 340 -27.64 0.48 6.01
N ASN A 341 -26.79 -0.13 5.21
CA ASN A 341 -25.64 -0.90 5.67
C ASN A 341 -24.39 -0.24 5.10
N GLU A 342 -23.84 0.73 5.84
CA GLU A 342 -22.71 1.52 5.38
C GLU A 342 -21.38 0.90 5.79
N SER A 343 -21.20 -0.39 5.52
CA SER A 343 -19.91 -1.01 5.78
C SER A 343 -18.85 -0.54 4.78
N SER A 344 -19.27 0.04 3.65
CA SER A 344 -18.32 0.49 2.64
C SER A 344 -17.63 1.78 3.05
N LEU A 345 -18.26 2.60 3.88
CA LEU A 345 -17.71 3.88 4.34
C LEU A 345 -17.12 3.79 5.74
N THR A 346 -17.88 3.27 6.70
CA THR A 346 -17.45 3.23 8.09
C THR A 346 -16.76 1.93 8.47
N GLY A 347 -17.00 0.84 7.73
CA GLY A 347 -16.45 -0.44 8.07
C GLY A 347 -17.31 -1.29 9.00
N GLU A 348 -18.43 -0.76 9.48
CA GLU A 348 -19.35 -1.49 10.33
C GLU A 348 -20.59 -1.87 9.56
N SER A 349 -21.15 -3.04 9.88
CA SER A 349 -22.33 -3.56 9.21
C SER A 349 -23.60 -3.31 10.00
N ILE A 350 -23.55 -2.50 11.04
CA ILE A 350 -24.77 -2.25 11.82
C ILE A 350 -25.77 -1.49 10.95
N PRO A 351 -27.07 -1.78 11.01
CA PRO A 351 -28.03 -0.95 10.30
C PRO A 351 -28.00 0.48 10.81
N VAL A 352 -28.17 1.41 9.88
CA VAL A 352 -28.16 2.85 10.17
C VAL A 352 -29.44 3.46 9.63
N LEU A 353 -30.13 4.24 10.46
CA LEU A 353 -31.37 4.86 10.06
C LEU A 353 -31.09 6.15 9.30
N LYS A 354 -31.73 6.31 8.15
CA LYS A 354 -31.68 7.54 7.36
C LYS A 354 -33.10 8.03 7.15
N THR A 355 -33.37 9.24 7.60
CA THR A 355 -34.69 9.86 7.52
C THR A 355 -34.72 10.92 6.43
N ALA A 356 -35.91 11.45 6.19
CA ALA A 356 -36.09 12.45 5.16
C ALA A 356 -35.33 13.73 5.53
N LEU A 357 -35.06 14.53 4.51
CA LEU A 357 -34.32 15.76 4.68
C LEU A 357 -35.22 16.82 5.33
N PRO A 358 -34.77 17.51 6.40
CA PRO A 358 -35.66 18.51 7.02
C PRO A 358 -35.92 19.69 6.09
N GLU A 359 -37.15 19.82 5.61
CA GLU A 359 -37.47 20.87 4.66
C GLU A 359 -37.30 22.24 5.29
N GLY A 360 -36.85 23.19 4.50
CA GLY A 360 -36.67 24.56 4.95
C GLY A 360 -35.60 25.24 4.12
N LEU A 361 -35.25 26.46 4.54
CA LEU A 361 -34.18 27.21 3.93
C LEU A 361 -32.85 26.73 4.49
N GLY A 362 -31.78 27.45 4.20
CA GLY A 362 -30.46 27.08 4.66
C GLY A 362 -29.85 26.01 3.78
N PRO A 363 -28.54 26.08 3.53
CA PRO A 363 -27.95 25.20 2.53
C PRO A 363 -27.91 23.75 2.98
N TYR A 364 -27.97 22.86 2.00
CA TYR A 364 -27.77 21.43 2.21
C TYR A 364 -26.34 21.09 1.81
N CYS A 365 -25.55 20.59 2.78
CA CYS A 365 -24.14 20.32 2.57
C CYS A 365 -23.78 18.85 2.54
N ALA A 366 -24.53 18.01 3.26
CA ALA A 366 -24.30 16.59 3.47
C ALA A 366 -23.17 16.34 4.47
N GLU A 367 -22.43 17.36 4.91
CA GLU A 367 -21.56 17.21 6.05
C GLU A 367 -22.37 17.24 7.35
N THR A 368 -23.44 18.05 7.38
CA THR A 368 -24.36 18.10 8.50
C THR A 368 -25.65 17.34 8.26
N HIS A 369 -25.98 17.04 6.99
CA HIS A 369 -27.14 16.25 6.63
C HIS A 369 -26.76 14.81 6.31
N ARG A 370 -25.68 14.30 6.91
CA ARG A 370 -25.25 12.94 6.65
C ARG A 370 -26.32 11.94 7.06
N ARG A 371 -27.13 12.27 8.06
CA ARG A 371 -28.21 11.41 8.51
C ARG A 371 -29.39 11.38 7.55
N HIS A 372 -29.43 12.30 6.57
CA HIS A 372 -30.53 12.37 5.62
C HIS A 372 -30.06 12.16 4.18
N THR A 373 -28.86 11.62 3.98
CA THR A 373 -28.29 11.43 2.66
C THR A 373 -27.88 9.97 2.49
N LEU A 374 -28.15 9.42 1.31
CA LEU A 374 -27.75 8.07 0.96
C LEU A 374 -26.54 8.13 0.04
N PHE A 375 -25.47 7.48 0.45
CA PHE A 375 -24.22 7.53 -0.29
C PHE A 375 -24.11 6.40 -1.30
N CYS A 376 -23.26 6.61 -2.30
CA CYS A 376 -23.06 5.61 -3.34
C CYS A 376 -22.38 4.38 -2.77
N GLY A 377 -22.82 3.20 -3.23
CA GLY A 377 -22.24 1.95 -2.83
C GLY A 377 -22.83 1.35 -1.57
N THR A 378 -23.26 2.18 -0.62
CA THR A 378 -23.82 1.67 0.62
C THR A 378 -25.08 0.86 0.32
N LEU A 379 -25.16 -0.32 0.93
CA LEU A 379 -26.27 -1.22 0.70
C LEU A 379 -27.49 -0.77 1.50
N ILE A 380 -28.63 -0.69 0.84
CA ILE A 380 -29.89 -0.35 1.50
C ILE A 380 -30.46 -1.64 2.07
N LEU A 381 -30.48 -1.76 3.40
CA LEU A 381 -31.10 -2.93 4.01
C LEU A 381 -32.59 -2.96 3.72
N GLN A 382 -33.25 -1.81 3.84
CA GLN A 382 -34.67 -1.74 3.51
C GLN A 382 -35.11 -0.29 3.46
N ALA A 383 -36.31 -0.07 2.93
CA ALA A 383 -36.88 1.27 2.76
C ALA A 383 -38.36 1.21 3.07
N ARG A 384 -38.78 1.89 4.14
CA ARG A 384 -40.18 1.97 4.53
C ARG A 384 -40.64 3.42 4.37
N ALA A 385 -41.74 3.61 3.65
CA ALA A 385 -42.19 4.96 3.32
C ALA A 385 -42.99 5.57 4.46
N TYR A 386 -44.12 4.96 4.80
CA TYR A 386 -45.09 5.44 5.78
C TYR A 386 -45.90 6.64 5.28
N VAL A 387 -45.54 7.19 4.11
CA VAL A 387 -46.24 8.33 3.54
C VAL A 387 -46.13 8.24 2.02
N GLY A 388 -47.27 8.27 1.33
CA GLY A 388 -47.26 8.22 -0.10
C GLY A 388 -47.02 6.80 -0.61
N PRO A 389 -46.91 6.65 -1.92
CA PRO A 389 -46.84 5.30 -2.51
C PRO A 389 -45.47 4.66 -2.47
N HIS A 390 -44.39 5.42 -2.24
CA HIS A 390 -43.05 4.84 -2.26
C HIS A 390 -42.06 5.86 -1.71
N VAL A 391 -40.85 5.36 -1.45
CA VAL A 391 -39.76 6.16 -0.90
C VAL A 391 -39.06 6.89 -2.04
N LEU A 392 -38.81 8.19 -1.83
CA LEU A 392 -38.21 9.03 -2.85
C LEU A 392 -36.95 9.68 -2.30
N ALA A 393 -35.90 9.70 -3.13
CA ALA A 393 -34.63 10.30 -2.73
C ALA A 393 -34.03 11.04 -3.91
N VAL A 394 -33.74 12.33 -3.71
CA VAL A 394 -33.26 13.20 -4.79
C VAL A 394 -31.75 13.03 -4.93
N VAL A 395 -31.28 12.90 -6.18
CA VAL A 395 -29.86 12.78 -6.44
C VAL A 395 -29.16 14.11 -6.20
N THR A 396 -27.94 14.05 -5.69
CA THR A 396 -27.14 15.23 -5.41
C THR A 396 -25.78 15.20 -6.08
N ARG A 397 -25.14 14.04 -6.15
CA ARG A 397 -23.85 13.87 -6.79
C ARG A 397 -23.86 12.62 -7.64
N THR A 398 -22.93 12.55 -8.58
CA THR A 398 -22.87 11.44 -9.52
C THR A 398 -21.44 11.25 -9.99
N GLY A 399 -21.15 10.05 -10.47
CA GLY A 399 -19.84 9.77 -11.04
C GLY A 399 -18.74 9.99 -10.02
N PHE A 400 -17.71 10.72 -10.44
CA PHE A 400 -16.57 10.97 -9.55
C PHE A 400 -16.90 11.90 -8.40
N CYS A 401 -18.00 12.65 -8.50
CA CYS A 401 -18.37 13.56 -7.42
C CYS A 401 -18.77 12.82 -6.15
N THR A 402 -19.15 11.54 -6.26
CA THR A 402 -19.60 10.79 -5.11
C THR A 402 -18.43 10.43 -4.19
N ALA A 403 -18.77 9.98 -2.99
CA ALA A 403 -17.75 9.56 -2.04
C ALA A 403 -16.92 8.41 -2.59
N LYS A 404 -17.59 7.40 -3.15
CA LYS A 404 -16.87 6.35 -3.86
C LYS A 404 -16.08 6.94 -5.01
N GLY A 405 -16.65 7.94 -5.68
CA GLY A 405 -15.92 8.62 -6.74
C GLY A 405 -14.65 9.28 -6.24
N GLY A 406 -14.74 9.95 -5.09
CA GLY A 406 -13.55 10.55 -4.51
C GLY A 406 -12.50 9.52 -4.14
N LEU A 407 -12.94 8.41 -3.54
CA LEU A 407 -12.00 7.37 -3.14
C LEU A 407 -11.29 6.78 -4.35
N VAL A 408 -12.05 6.44 -5.39
CA VAL A 408 -11.42 5.85 -6.58
C VAL A 408 -10.54 6.88 -7.28
N SER A 409 -10.94 8.15 -7.26
CA SER A 409 -10.10 9.19 -7.85
C SER A 409 -8.76 9.29 -7.12
N SER A 410 -8.79 9.25 -5.79
CA SER A 410 -7.54 9.26 -5.03
C SER A 410 -6.71 8.02 -5.33
N ILE A 411 -7.37 6.87 -5.50
CA ILE A 411 -6.65 5.65 -5.83
C ILE A 411 -5.93 5.79 -7.17
N LEU A 412 -6.64 6.33 -8.18
CA LEU A 412 -6.04 6.47 -9.50
C LEU A 412 -4.90 7.48 -9.50
N HIS A 413 -5.10 8.62 -8.84
CA HIS A 413 -4.11 9.68 -8.82
C HIS A 413 -3.40 9.69 -7.48
N PRO A 414 -2.14 9.25 -7.39
CA PRO A 414 -1.49 9.30 -6.07
C PRO A 414 -1.17 10.73 -5.64
N LYS A 423 16.85 0.73 -3.65
CA LYS A 423 16.33 1.92 -2.99
C LYS A 423 16.27 3.10 -3.94
N HIS A 424 15.74 4.22 -3.46
CA HIS A 424 15.68 5.43 -4.27
C HIS A 424 17.05 6.05 -4.50
N SER A 425 17.95 5.92 -3.52
CA SER A 425 19.32 6.39 -3.66
C SER A 425 20.22 5.41 -4.41
N MET A 426 19.68 4.27 -4.84
CA MET A 426 20.47 3.29 -5.57
C MET A 426 20.89 3.77 -6.95
N LYS A 427 20.33 4.87 -7.44
CA LYS A 427 20.58 5.38 -8.79
C LYS A 427 21.51 6.60 -8.77
N PHE A 428 22.51 6.58 -7.90
CA PHE A 428 23.47 7.68 -7.88
C PHE A 428 24.19 7.78 -9.23
N VAL A 429 24.46 9.01 -9.65
CA VAL A 429 24.80 9.32 -11.02
C VAL A 429 26.21 9.90 -11.16
N ALA A 430 26.60 10.78 -10.25
CA ALA A 430 27.82 11.58 -10.46
C ALA A 430 29.07 10.70 -10.48
N ALA A 431 29.23 9.85 -9.46
CA ALA A 431 30.46 9.09 -9.32
C ALA A 431 30.65 8.15 -10.52
N LEU A 432 29.62 7.40 -10.87
CA LEU A 432 29.73 6.45 -11.97
C LEU A 432 30.00 7.18 -13.29
N SER A 433 29.31 8.29 -13.52
CA SER A 433 29.51 9.04 -14.77
C SER A 433 30.94 9.56 -14.88
N VAL A 434 31.44 10.18 -13.80
CA VAL A 434 32.79 10.73 -13.85
C VAL A 434 33.81 9.61 -14.01
N LEU A 435 33.61 8.49 -13.32
CA LEU A 435 34.55 7.37 -13.43
C LEU A 435 34.56 6.80 -14.83
N ALA A 436 33.37 6.64 -15.43
CA ALA A 436 33.30 6.15 -16.81
C ALA A 436 33.99 7.11 -17.76
N LEU A 437 33.80 8.42 -17.57
CA LEU A 437 34.45 9.40 -18.42
C LEU A 437 35.96 9.30 -18.31
N LEU A 438 36.48 9.23 -17.08
CA LEU A 438 37.92 9.14 -16.89
C LEU A 438 38.47 7.88 -17.54
N GLY A 439 37.83 6.74 -17.27
CA GLY A 439 38.30 5.50 -17.86
C GLY A 439 38.27 5.52 -19.37
N THR A 440 37.21 6.10 -19.95
CA THR A 440 37.13 6.19 -21.40
C THR A 440 38.27 7.03 -21.95
N ILE A 441 38.46 8.25 -21.44
CA ILE A 441 39.49 9.12 -22.01
C ILE A 441 40.86 8.49 -21.85
N TYR A 442 41.09 7.79 -20.73
CA TYR A 442 42.35 7.07 -20.58
C TYR A 442 42.49 5.98 -21.63
N SER A 443 41.39 5.28 -21.93
CA SER A 443 41.44 4.23 -22.94
C SER A 443 41.77 4.80 -24.32
N ILE A 444 41.13 5.90 -24.71
CA ILE A 444 41.46 6.50 -26.00
C ILE A 444 42.90 7.00 -26.00
N PHE A 445 43.37 7.58 -24.90
CA PHE A 445 44.74 8.07 -24.87
C PHE A 445 45.73 6.94 -25.10
N ILE A 446 45.62 5.86 -24.31
CA ILE A 446 46.57 4.76 -24.46
C ILE A 446 46.39 4.07 -25.80
N LEU A 447 45.16 3.97 -26.31
CA LEU A 447 44.95 3.30 -27.57
C LEU A 447 45.55 4.08 -28.73
N TYR A 448 45.38 5.41 -28.74
CA TYR A 448 46.06 6.18 -29.76
C TYR A 448 47.56 6.21 -29.54
N ARG A 449 48.02 5.95 -28.32
CA ARG A 449 49.45 5.76 -28.09
C ARG A 449 49.92 4.41 -28.63
N ASN A 450 49.02 3.43 -28.75
CA ASN A 450 49.32 2.11 -29.30
C ASN A 450 48.49 1.97 -30.58
N ARG A 451 49.09 2.35 -31.70
CA ARG A 451 48.36 2.61 -32.94
C ARG A 451 47.45 1.46 -33.36
N VAL A 452 46.15 1.68 -33.32
CA VAL A 452 45.15 0.72 -33.79
C VAL A 452 44.01 1.48 -34.46
N PRO A 453 43.23 0.80 -35.31
CA PRO A 453 42.26 1.52 -36.14
C PRO A 453 41.23 2.28 -35.33
N LEU A 454 40.59 3.25 -35.99
CA LEU A 454 39.65 4.13 -35.33
C LEU A 454 38.40 3.37 -34.87
N ASN A 455 37.86 2.51 -35.73
CA ASN A 455 36.65 1.78 -35.37
C ASN A 455 36.87 0.89 -34.16
N GLU A 456 38.03 0.22 -34.11
CA GLU A 456 38.36 -0.57 -32.93
C GLU A 456 38.43 0.30 -31.68
N ILE A 457 39.01 1.50 -31.81
CA ILE A 457 39.10 2.39 -30.65
C ILE A 457 37.70 2.75 -30.16
N VAL A 458 36.81 3.10 -31.09
CA VAL A 458 35.46 3.48 -30.70
C VAL A 458 34.76 2.30 -30.02
N ILE A 459 34.87 1.11 -30.60
CA ILE A 459 34.18 -0.05 -30.04
C ILE A 459 34.71 -0.37 -28.65
N ARG A 460 36.03 -0.35 -28.48
CA ARG A 460 36.61 -0.67 -27.18
C ARG A 460 36.22 0.36 -26.14
N ALA A 461 36.29 1.65 -26.49
CA ALA A 461 35.96 2.69 -25.54
C ALA A 461 34.50 2.62 -25.12
N LEU A 462 33.61 2.38 -26.08
CA LEU A 462 32.19 2.24 -25.72
C LEU A 462 31.97 1.01 -24.86
N ASP A 463 32.62 -0.10 -25.19
CA ASP A 463 32.41 -1.33 -24.43
C ASP A 463 32.92 -1.19 -23.01
N LEU A 464 33.94 -0.36 -22.80
CA LEU A 464 34.38 -0.09 -21.43
C LEU A 464 33.26 0.48 -20.58
N VAL A 465 32.37 1.27 -21.20
CA VAL A 465 31.25 1.83 -20.45
C VAL A 465 30.31 0.72 -19.98
N THR A 466 30.00 -0.23 -20.86
CA THR A 466 29.15 -1.35 -20.46
C THR A 466 29.84 -2.20 -19.41
N VAL A 467 31.17 -2.30 -19.47
CA VAL A 467 31.89 -2.98 -18.39
C VAL A 467 31.69 -2.24 -17.07
N VAL A 468 31.72 -0.91 -17.11
CA VAL A 468 31.55 -0.13 -15.89
C VAL A 468 30.15 -0.31 -15.32
N VAL A 469 29.13 -0.02 -16.12
CA VAL A 469 27.74 -0.07 -15.67
C VAL A 469 27.19 -1.44 -16.03
N PRO A 470 26.83 -2.30 -15.07
CA PRO A 470 26.26 -3.60 -15.42
C PRO A 470 24.88 -3.44 -16.03
N PRO A 471 24.63 -3.98 -17.24
CA PRO A 471 23.25 -4.00 -17.73
C PRO A 471 22.38 -5.06 -17.08
N ALA A 472 22.95 -5.98 -16.31
CA ALA A 472 22.21 -7.03 -15.64
C ALA A 472 21.89 -6.69 -14.19
N LEU A 473 22.14 -5.46 -13.77
CA LEU A 473 21.92 -5.09 -12.36
C LEU A 473 20.47 -5.24 -11.92
N PRO A 474 19.47 -4.70 -12.61
CA PRO A 474 18.09 -4.81 -12.09
C PRO A 474 17.61 -6.25 -11.96
N ALA A 475 18.01 -7.14 -12.87
CA ALA A 475 17.65 -8.54 -12.74
C ALA A 475 18.25 -9.15 -11.48
N ALA A 476 19.52 -8.83 -11.21
CA ALA A 476 20.15 -9.30 -9.99
C ALA A 476 19.40 -8.78 -8.77
N MET A 477 18.93 -7.52 -8.83
CA MET A 477 18.14 -6.97 -7.74
C MET A 477 16.83 -7.72 -7.55
N THR A 478 16.17 -8.09 -8.64
CA THR A 478 14.84 -8.68 -8.56
C THR A 478 14.85 -10.19 -8.30
N VAL A 479 15.99 -10.86 -8.45
CA VAL A 479 16.03 -12.30 -8.17
C VAL A 479 15.63 -12.57 -6.73
N CYS A 480 16.18 -11.80 -5.78
CA CYS A 480 15.88 -12.03 -4.37
C CYS A 480 14.43 -11.72 -4.05
N THR A 481 13.86 -10.70 -4.72
CA THR A 481 12.45 -10.40 -4.50
C THR A 481 11.57 -11.51 -5.06
N LEU A 482 11.97 -12.14 -6.16
CA LEU A 482 11.23 -13.31 -6.64
C LEU A 482 11.29 -14.44 -5.63
N TYR A 483 12.48 -14.67 -5.04
CA TYR A 483 12.59 -15.67 -3.99
C TYR A 483 11.64 -15.36 -2.84
N ALA A 484 11.62 -14.11 -2.40
CA ALA A 484 10.75 -13.71 -1.30
C ALA A 484 9.27 -13.87 -1.67
N GLN A 485 8.91 -13.54 -2.91
CA GLN A 485 7.53 -13.70 -3.33
C GLN A 485 7.10 -15.16 -3.28
N SER A 486 7.95 -16.06 -3.77
CA SER A 486 7.62 -17.48 -3.69
C SER A 486 7.53 -17.93 -2.24
N ARG A 487 8.43 -17.44 -1.40
CA ARG A 487 8.40 -17.80 0.02
C ARG A 487 7.08 -17.38 0.66
N LEU A 488 6.65 -16.14 0.39
CA LEU A 488 5.40 -15.65 0.96
C LEU A 488 4.21 -16.42 0.43
N ARG A 489 4.17 -16.64 -0.89
CA ARG A 489 3.06 -17.37 -1.49
C ARG A 489 2.99 -18.80 -0.99
N ARG A 490 4.10 -19.38 -0.54
CA ARG A 490 4.05 -20.68 0.11
C ARG A 490 3.37 -20.64 1.47
N GLN A 491 3.12 -19.46 2.03
CA GLN A 491 2.50 -19.31 3.33
C GLN A 491 1.42 -18.23 3.30
N GLY A 492 0.57 -18.25 2.28
CA GLY A 492 -0.61 -17.41 2.25
C GLY A 492 -0.49 -16.09 1.53
N ILE A 493 0.43 -15.22 1.95
CA ILE A 493 0.49 -13.87 1.41
C ILE A 493 0.89 -13.92 -0.05
N PHE A 494 0.11 -13.24 -0.89
CA PHE A 494 0.36 -13.16 -2.33
C PHE A 494 0.66 -11.73 -2.71
N CYS A 495 1.71 -11.54 -3.51
CA CYS A 495 2.18 -10.21 -3.87
C CYS A 495 2.10 -10.03 -5.39
N ILE A 496 1.90 -8.78 -5.80
CA ILE A 496 1.80 -8.44 -7.21
C ILE A 496 3.02 -7.69 -7.71
N HIS A 497 3.66 -6.87 -6.87
CA HIS A 497 4.89 -6.14 -7.21
C HIS A 497 5.99 -6.65 -6.30
N PRO A 498 6.80 -7.62 -6.74
CA PRO A 498 7.84 -8.16 -5.85
C PRO A 498 8.82 -7.11 -5.35
N LEU A 499 9.17 -6.12 -6.17
CA LEU A 499 10.12 -5.12 -5.74
C LEU A 499 9.60 -4.29 -4.58
N ARG A 500 8.28 -4.28 -4.35
CA ARG A 500 7.73 -3.60 -3.19
C ARG A 500 8.16 -4.26 -1.88
N ILE A 501 8.54 -5.55 -1.92
CA ILE A 501 8.89 -6.25 -0.69
C ILE A 501 10.07 -5.58 0.01
N ASN A 502 10.95 -4.93 -0.75
CA ASN A 502 12.09 -4.26 -0.15
C ASN A 502 11.62 -3.20 0.84
N LEU A 503 10.49 -2.54 0.56
CA LEU A 503 9.99 -1.53 1.48
C LEU A 503 9.59 -2.14 2.82
N GLY A 504 9.25 -3.42 2.84
CA GLY A 504 8.92 -4.06 4.11
C GLY A 504 10.09 -4.10 5.07
N GLY A 505 11.30 -4.10 4.54
CA GLY A 505 12.47 -4.15 5.41
C GLY A 505 12.63 -2.89 6.25
N LYS A 506 12.42 -1.73 5.64
CA LYS A 506 12.59 -0.44 6.30
C LYS A 506 11.26 0.13 6.79
N LEU A 507 10.32 -0.74 7.13
CA LEU A 507 9.04 -0.31 7.68
C LEU A 507 9.17 -0.04 9.17
N GLN A 508 8.51 1.01 9.64
CA GLN A 508 8.62 1.43 11.02
C GLN A 508 7.31 1.93 11.62
N LEU A 509 6.19 1.80 10.90
CA LEU A 509 4.89 2.26 11.39
C LEU A 509 3.82 1.47 10.66
N VAL A 510 2.86 0.94 11.42
CA VAL A 510 1.79 0.12 10.85
C VAL A 510 0.45 0.62 11.37
N CYS A 511 -0.48 0.87 10.46
CA CYS A 511 -1.84 1.26 10.79
C CYS A 511 -2.75 0.05 10.63
N PHE A 512 -3.73 -0.07 11.52
CA PHE A 512 -4.62 -1.22 11.57
C PHE A 512 -6.06 -0.75 11.62
N ASP A 513 -6.87 -1.27 10.72
CA ASP A 513 -8.32 -1.14 10.85
C ASP A 513 -8.79 -1.94 12.06
N LYS A 514 -9.90 -1.53 12.65
CA LYS A 514 -10.39 -2.20 13.85
C LYS A 514 -11.31 -3.37 13.50
N THR A 515 -12.44 -3.07 12.86
CA THR A 515 -13.43 -4.10 12.59
C THR A 515 -12.93 -5.02 11.47
N GLY A 516 -12.96 -6.31 11.73
CA GLY A 516 -12.58 -7.29 10.73
C GLY A 516 -11.09 -7.60 10.71
N THR A 517 -10.26 -6.62 11.02
CA THR A 517 -8.81 -6.79 11.03
C THR A 517 -8.30 -7.15 12.42
N LEU A 518 -8.52 -6.28 13.40
CA LEU A 518 -8.09 -6.56 14.76
C LEU A 518 -9.14 -7.31 15.56
N THR A 519 -10.42 -7.14 15.22
CA THR A 519 -11.52 -7.78 15.90
C THR A 519 -12.34 -8.58 14.90
N GLU A 520 -13.18 -9.46 15.41
CA GLU A 520 -14.02 -10.26 14.53
C GLU A 520 -14.97 -9.35 13.75
N ASP A 521 -15.31 -9.78 12.54
CA ASP A 521 -16.19 -9.00 11.67
C ASP A 521 -17.65 -9.23 12.07
N GLY A 522 -17.96 -8.80 13.28
CA GLY A 522 -19.29 -9.00 13.85
C GLY A 522 -19.23 -8.95 15.36
N LEU A 523 -20.41 -8.91 15.95
CA LEU A 523 -20.55 -8.86 17.39
C LEU A 523 -20.85 -10.25 17.95
N ASP A 524 -20.54 -10.42 19.24
CA ASP A 524 -20.72 -11.69 19.91
C ASP A 524 -21.17 -11.45 21.34
N VAL A 525 -21.90 -12.42 21.89
CA VAL A 525 -22.44 -12.29 23.25
C VAL A 525 -21.28 -12.30 24.23
N MET A 526 -21.17 -11.26 25.06
CA MET A 526 -20.23 -11.28 26.16
C MET A 526 -20.86 -11.87 27.42
N GLY A 527 -22.17 -11.76 27.56
CA GLY A 527 -22.86 -12.32 28.70
C GLY A 527 -24.16 -11.61 28.95
N VAL A 528 -24.98 -12.22 29.81
CA VAL A 528 -26.27 -11.68 30.21
C VAL A 528 -26.20 -11.30 31.68
N VAL A 529 -27.01 -10.31 32.05
CA VAL A 529 -27.00 -9.75 33.40
C VAL A 529 -28.39 -9.88 34.01
N PRO A 530 -28.74 -11.01 34.63
CA PRO A 530 -30.06 -11.13 35.26
C PRO A 530 -30.18 -10.18 36.45
N LEU A 531 -31.42 -9.85 36.77
CA LEU A 531 -31.74 -9.06 37.97
C LEU A 531 -33.03 -9.57 38.56
N LYS A 532 -33.01 -9.88 39.85
CA LYS A 532 -34.20 -10.41 40.52
C LYS A 532 -35.09 -9.28 41.04
N GLY A 533 -34.56 -8.47 41.96
CA GLY A 533 -35.29 -7.34 42.49
C GLY A 533 -34.79 -6.03 41.90
N GLN A 534 -34.19 -5.19 42.74
CA GLN A 534 -33.60 -3.93 42.33
C GLN A 534 -32.08 -3.99 42.30
N ALA A 535 -31.50 -5.15 41.97
CA ALA A 535 -30.06 -5.31 41.94
C ALA A 535 -29.69 -6.32 40.87
N PHE A 536 -28.76 -5.95 40.00
CA PHE A 536 -28.29 -6.87 38.97
C PHE A 536 -27.53 -8.03 39.61
N LEU A 537 -27.81 -9.24 39.15
CA LEU A 537 -26.99 -10.38 39.52
C LEU A 537 -25.69 -10.34 38.72
N PRO A 538 -24.66 -11.07 39.16
CA PRO A 538 -23.37 -11.01 38.45
C PRO A 538 -23.50 -11.45 37.00
N LEU A 539 -22.68 -10.82 36.15
CA LEU A 539 -22.71 -11.12 34.72
C LEU A 539 -22.41 -12.59 34.49
N VAL A 540 -23.21 -13.22 33.66
CA VAL A 540 -23.09 -14.65 33.34
C VAL A 540 -22.26 -14.78 32.07
N PRO A 541 -21.24 -15.65 32.02
CA PRO A 541 -20.42 -15.72 30.81
C PRO A 541 -21.20 -16.19 29.58
N GLU A 542 -21.89 -17.33 29.70
CA GLU A 542 -22.69 -17.88 28.61
C GLU A 542 -24.10 -18.13 29.15
N PRO A 543 -25.15 -17.66 28.45
CA PRO A 543 -26.50 -17.79 29.04
C PRO A 543 -27.05 -19.20 29.09
N ARG A 544 -26.33 -20.19 28.54
CA ARG A 544 -26.88 -21.54 28.45
C ARG A 544 -27.20 -22.10 29.84
N ARG A 545 -26.30 -21.90 30.80
CA ARG A 545 -26.44 -22.47 32.14
C ARG A 545 -27.23 -21.49 33.00
N LEU A 546 -28.55 -21.64 32.98
CA LEU A 546 -29.44 -20.80 33.76
C LEU A 546 -30.75 -21.56 33.98
N PRO A 547 -31.56 -21.15 34.96
CA PRO A 547 -32.84 -21.84 35.17
C PRO A 547 -33.77 -21.68 33.97
N VAL A 548 -34.97 -22.25 34.06
CA VAL A 548 -35.93 -22.21 32.96
C VAL A 548 -36.89 -21.04 33.18
N GLY A 549 -36.47 -20.06 33.99
CA GLY A 549 -37.29 -18.90 34.27
C GLY A 549 -37.58 -18.08 33.03
N PRO A 550 -38.28 -16.96 33.21
CA PRO A 550 -38.61 -16.11 32.06
C PRO A 550 -37.40 -15.61 31.29
N LEU A 551 -36.28 -15.34 31.97
CA LEU A 551 -35.13 -14.76 31.28
C LEU A 551 -34.59 -15.71 30.22
N LEU A 552 -34.48 -16.99 30.54
CA LEU A 552 -33.96 -17.94 29.55
C LEU A 552 -34.95 -18.10 28.40
N ARG A 553 -36.25 -18.12 28.70
CA ARG A 553 -37.25 -18.22 27.64
C ARG A 553 -37.16 -17.04 26.69
N ALA A 554 -37.00 -15.83 27.23
CA ALA A 554 -36.86 -14.66 26.38
C ALA A 554 -35.54 -14.69 25.62
N LEU A 555 -34.48 -15.18 26.24
CA LEU A 555 -33.20 -15.30 25.55
C LEU A 555 -33.30 -16.28 24.38
N ALA A 556 -34.19 -17.27 24.47
CA ALA A 556 -34.32 -18.29 23.44
C ALA A 556 -35.37 -17.97 22.38
N THR A 557 -36.40 -17.19 22.69
CA THR A 557 -37.56 -17.02 21.82
C THR A 557 -37.56 -15.71 21.05
N CYS A 558 -37.29 -14.59 21.72
CA CYS A 558 -37.53 -13.28 21.13
C CYS A 558 -36.53 -13.01 20.02
N HIS A 559 -37.02 -12.99 18.78
CA HIS A 559 -36.18 -12.71 17.62
C HIS A 559 -37.08 -12.54 16.41
N ALA A 560 -36.52 -11.95 15.35
CA ALA A 560 -37.23 -11.76 14.10
C ALA A 560 -37.20 -12.99 13.21
N LEU A 561 -36.48 -14.05 13.60
CA LEU A 561 -36.39 -15.25 12.80
C LEU A 561 -37.76 -15.92 12.67
N ASP A 571 -30.31 -10.42 10.12
CA ASP A 571 -30.20 -10.15 11.53
C ASP A 571 -29.15 -11.06 12.19
N PRO A 572 -27.87 -10.73 12.00
CA PRO A 572 -26.83 -11.51 12.69
C PRO A 572 -26.96 -11.48 14.19
N MET A 573 -27.56 -10.43 14.76
CA MET A 573 -27.56 -10.27 16.21
C MET A 573 -28.48 -11.29 16.86
N ASP A 574 -29.70 -11.44 16.35
CA ASP A 574 -30.60 -12.47 16.85
C ASP A 574 -30.07 -13.87 16.58
N LEU A 575 -29.39 -14.05 15.45
CA LEU A 575 -28.77 -15.35 15.17
C LEU A 575 -27.73 -15.69 16.23
N LYS A 576 -26.90 -14.71 16.60
CA LYS A 576 -25.92 -14.95 17.65
C LYS A 576 -26.59 -15.22 18.99
N MET A 577 -27.66 -14.49 19.29
CA MET A 577 -28.43 -14.74 20.50
C MET A 577 -28.93 -16.18 20.56
N VAL A 578 -29.56 -16.64 19.48
CA VAL A 578 -30.12 -17.98 19.45
C VAL A 578 -29.03 -19.04 19.48
N GLU A 579 -27.88 -18.75 18.85
CA GLU A 579 -26.77 -19.68 18.92
C GLU A 579 -26.25 -19.79 20.35
N SER A 580 -26.12 -18.66 21.05
CA SER A 580 -25.57 -18.67 22.40
C SER A 580 -26.51 -19.39 23.36
N THR A 581 -27.80 -19.09 23.30
CA THR A 581 -28.73 -19.74 24.21
C THR A 581 -28.86 -21.22 23.91
N GLY A 582 -28.68 -21.63 22.66
CA GLY A 582 -28.60 -23.03 22.29
C GLY A 582 -29.92 -23.73 22.08
N TRP A 583 -31.05 -23.02 22.19
CA TRP A 583 -32.35 -23.64 22.03
C TRP A 583 -32.61 -23.87 20.53
N VAL A 584 -32.65 -25.14 20.13
CA VAL A 584 -32.66 -25.45 18.70
C VAL A 584 -34.10 -25.39 18.17
N LEU A 585 -34.26 -24.84 16.98
CA LEU A 585 -35.59 -24.65 16.41
C LEU A 585 -36.15 -25.97 15.88
N GLU A 586 -37.47 -26.11 15.93
CA GLU A 586 -38.15 -27.27 15.38
C GLU A 586 -39.65 -27.01 15.40
N VAL A 599 -48.97 -21.12 16.20
CA VAL A 599 -47.62 -21.28 16.71
C VAL A 599 -46.61 -21.09 15.58
N LEU A 600 -45.71 -20.12 15.75
CA LEU A 600 -44.76 -19.74 14.71
C LEU A 600 -43.42 -20.45 14.83
N ALA A 601 -43.19 -21.21 15.90
CA ALA A 601 -41.98 -22.00 16.05
C ALA A 601 -42.15 -22.85 17.29
N VAL A 602 -41.24 -23.81 17.47
CA VAL A 602 -41.20 -24.61 18.71
C VAL A 602 -39.73 -24.84 19.06
N MET A 603 -39.30 -24.29 20.18
CA MET A 603 -37.91 -24.38 20.59
C MET A 603 -37.70 -25.60 21.48
N ARG A 604 -36.60 -26.32 21.23
CA ARG A 604 -36.16 -27.46 22.01
C ARG A 604 -35.00 -27.02 22.90
N PRO A 605 -35.08 -27.18 24.22
CA PRO A 605 -33.91 -26.91 25.06
C PRO A 605 -32.93 -28.07 25.03
N PRO A 606 -31.65 -27.83 24.68
CA PRO A 606 -30.72 -28.97 24.74
C PRO A 606 -30.48 -29.46 26.17
N PRO A 619 -36.57 -30.17 30.73
CA PRO A 619 -36.92 -28.85 30.18
C PRO A 619 -38.32 -28.83 29.57
N VAL A 620 -38.66 -27.78 28.85
CA VAL A 620 -40.01 -27.62 28.28
C VAL A 620 -39.91 -27.10 26.86
N PRO A 621 -40.90 -27.46 26.01
CA PRO A 621 -40.94 -26.87 24.66
C PRO A 621 -41.69 -25.55 24.62
N VAL A 622 -41.01 -24.47 24.26
CA VAL A 622 -41.61 -23.13 24.21
C VAL A 622 -41.85 -22.79 22.75
N SER A 623 -43.12 -22.61 22.39
CA SER A 623 -43.52 -22.21 21.05
C SER A 623 -43.88 -20.74 21.05
N VAL A 624 -43.60 -20.08 19.93
CA VAL A 624 -43.94 -18.67 19.74
C VAL A 624 -45.40 -18.59 19.32
N LEU A 625 -46.27 -18.18 20.25
CA LEU A 625 -47.70 -18.09 19.96
C LEU A 625 -48.05 -16.89 19.10
N HIS A 626 -47.38 -15.77 19.30
CA HIS A 626 -47.60 -14.56 18.52
C HIS A 626 -46.35 -13.70 18.58
N ARG A 627 -46.25 -12.75 17.65
CA ARG A 627 -45.09 -11.88 17.56
C ARG A 627 -45.53 -10.56 16.96
N PHE A 628 -44.64 -9.58 17.00
CA PHE A 628 -44.84 -8.27 16.41
C PHE A 628 -43.57 -7.84 15.71
N PRO A 629 -43.67 -7.03 14.66
CA PRO A 629 -42.47 -6.59 13.96
C PRO A 629 -41.65 -5.65 14.83
N PHE A 630 -40.35 -5.60 14.55
CA PHE A 630 -39.44 -4.69 15.24
C PHE A 630 -39.67 -3.28 14.71
N SER A 631 -40.45 -2.50 15.44
CA SER A 631 -40.77 -1.14 15.01
C SER A 631 -39.49 -0.32 14.90
N SER A 632 -39.26 0.24 13.71
CA SER A 632 -38.03 1.00 13.49
C SER A 632 -38.00 2.26 14.33
N ALA A 633 -39.13 2.96 14.45
CA ALA A 633 -39.20 4.17 15.25
C ALA A 633 -38.93 3.86 16.72
N LEU A 634 -39.81 3.08 17.35
CA LEU A 634 -39.65 2.67 18.73
C LEU A 634 -38.95 1.31 18.74
N GLN A 635 -37.70 1.30 19.17
CA GLN A 635 -36.86 0.11 19.01
C GLN A 635 -37.25 -0.98 19.98
N ARG A 636 -38.44 -1.55 19.76
CA ARG A 636 -38.96 -2.65 20.58
C ARG A 636 -39.25 -3.83 19.66
N MET A 637 -39.17 -5.03 20.23
CA MET A 637 -39.57 -6.26 19.53
C MET A 637 -40.19 -7.16 20.57
N SER A 638 -41.48 -7.46 20.42
CA SER A 638 -42.24 -8.20 21.42
C SER A 638 -42.67 -9.55 20.86
N VAL A 639 -42.76 -10.54 21.75
CA VAL A 639 -43.19 -11.89 21.36
C VAL A 639 -43.94 -12.51 22.53
N VAL A 640 -45.07 -13.14 22.23
CA VAL A 640 -45.92 -13.79 23.22
C VAL A 640 -45.83 -15.30 23.01
N VAL A 641 -45.55 -16.03 24.09
CA VAL A 641 -45.26 -17.45 24.03
C VAL A 641 -46.06 -18.19 25.10
N ALA A 642 -46.16 -19.51 24.92
CA ALA A 642 -46.84 -20.37 25.88
C ALA A 642 -46.29 -21.77 25.72
N TRP A 643 -46.39 -22.56 26.80
CA TRP A 643 -45.79 -23.89 26.87
C TRP A 643 -46.79 -24.87 27.49
N PRO A 644 -46.48 -26.18 27.52
CA PRO A 644 -47.41 -27.13 28.16
C PRO A 644 -47.68 -26.81 29.63
N GLY A 645 -46.70 -26.27 30.34
CA GLY A 645 -46.90 -25.86 31.71
C GLY A 645 -47.74 -24.61 31.84
N GLN A 648 -48.69 -19.73 32.15
CA GLN A 648 -49.61 -18.84 31.46
C GLN A 648 -48.91 -18.17 30.29
N PRO A 649 -49.68 -17.64 29.33
CA PRO A 649 -49.05 -16.94 28.21
C PRO A 649 -48.22 -15.78 28.72
N GLU A 650 -47.06 -15.58 28.11
CA GLU A 650 -46.11 -14.61 28.64
C GLU A 650 -45.46 -13.85 27.49
N ALA A 651 -45.33 -12.54 27.67
CA ALA A 651 -44.75 -11.65 26.68
C ALA A 651 -43.33 -11.27 27.09
N TYR A 652 -42.44 -11.25 26.09
CA TYR A 652 -41.05 -10.84 26.25
C TYR A 652 -40.76 -9.74 25.25
N VAL A 653 -40.10 -8.68 25.71
CA VAL A 653 -39.79 -7.51 24.90
C VAL A 653 -38.28 -7.32 24.89
N LYS A 654 -37.70 -7.20 23.70
CA LYS A 654 -36.28 -6.94 23.51
C LYS A 654 -36.16 -5.55 22.90
N GLY A 655 -35.36 -4.69 23.50
CA GLY A 655 -35.23 -3.34 22.96
C GLY A 655 -34.06 -2.55 23.49
N SER A 656 -34.03 -1.26 23.17
CA SER A 656 -32.96 -0.41 23.67
C SER A 656 -33.09 -0.30 25.19
N PRO A 657 -31.98 -0.05 25.90
CA PRO A 657 -32.07 -0.08 27.36
C PRO A 657 -33.00 0.96 27.95
N GLU A 658 -32.81 2.24 27.63
CA GLU A 658 -33.54 3.30 28.32
C GLU A 658 -35.04 3.23 28.03
N LEU A 659 -35.41 2.98 26.77
CA LEU A 659 -36.83 2.99 26.41
C LEU A 659 -37.57 1.82 27.05
N VAL A 660 -37.00 0.62 26.95
CA VAL A 660 -37.63 -0.55 27.55
C VAL A 660 -37.69 -0.40 29.06
N ALA A 661 -36.63 0.12 29.67
CA ALA A 661 -36.65 0.35 31.12
C ALA A 661 -37.76 1.32 31.49
N GLY A 662 -37.95 2.37 30.68
CA GLY A 662 -39.08 3.26 30.90
C GLY A 662 -40.41 2.57 30.79
N LEU A 663 -40.53 1.59 29.89
CA LEU A 663 -41.75 0.80 29.83
C LEU A 663 -41.97 -0.03 31.10
N CYS A 664 -40.91 -0.41 31.79
CA CYS A 664 -41.01 -1.32 32.91
C CYS A 664 -41.43 -0.59 34.19
N ASN A 665 -41.77 -1.37 35.21
CA ASN A 665 -42.14 -0.81 36.51
C ASN A 665 -40.87 -0.39 37.25
N PRO A 666 -40.75 0.88 37.68
CA PRO A 666 -39.54 1.26 38.43
C PRO A 666 -39.30 0.46 39.70
N GLU A 667 -40.33 -0.22 40.23
CA GLU A 667 -40.14 -1.09 41.38
C GLU A 667 -39.10 -2.16 41.11
N THR A 668 -39.25 -2.90 40.01
CA THR A 668 -38.28 -3.94 39.67
C THR A 668 -37.05 -3.36 39.00
N VAL A 669 -37.22 -2.36 38.14
CA VAL A 669 -36.05 -1.73 37.50
C VAL A 669 -35.20 -1.07 38.57
N PRO A 670 -33.89 -1.26 38.58
CA PRO A 670 -33.09 -0.81 39.71
C PRO A 670 -32.81 0.68 39.66
N THR A 671 -32.30 1.18 40.78
CA THR A 671 -31.94 2.59 40.87
C THR A 671 -30.81 2.94 39.90
N ASP A 672 -29.86 2.03 39.72
CA ASP A 672 -28.60 2.30 39.03
C ASP A 672 -28.65 1.87 37.56
N PHE A 673 -29.79 2.05 36.89
CA PHE A 673 -29.88 1.69 35.48
C PHE A 673 -29.00 2.57 34.61
N ALA A 674 -28.75 3.82 35.01
CA ALA A 674 -27.95 4.73 34.22
C ALA A 674 -26.46 4.44 34.29
N GLN A 675 -25.96 3.99 35.45
CA GLN A 675 -24.54 3.73 35.63
C GLN A 675 -24.15 2.33 35.21
N MET A 676 -24.98 1.33 35.52
CA MET A 676 -24.72 -0.02 35.02
C MET A 676 -24.72 -0.06 33.50
N LEU A 677 -25.41 0.87 32.85
CA LEU A 677 -25.46 0.96 31.40
C LEU A 677 -24.34 1.82 30.82
N GLN A 678 -24.03 2.95 31.45
CA GLN A 678 -22.90 3.75 30.98
C GLN A 678 -21.59 3.01 31.15
N SER A 679 -21.51 2.11 32.13
CA SER A 679 -20.31 1.30 32.29
C SER A 679 -20.03 0.46 31.06
N TYR A 680 -21.07 0.03 30.37
CA TYR A 680 -20.92 -0.79 29.17
C TYR A 680 -20.84 0.05 27.90
N THR A 681 -21.73 1.03 27.74
CA THR A 681 -21.70 1.85 26.53
C THR A 681 -20.40 2.64 26.44
N ALA A 682 -19.94 3.19 27.57
CA ALA A 682 -18.67 3.90 27.58
C ALA A 682 -17.50 2.97 27.29
N ALA A 683 -17.66 1.68 27.55
CA ALA A 683 -16.63 0.68 27.28
C ALA A 683 -16.76 0.04 25.91
N GLY A 684 -17.50 0.68 24.99
CA GLY A 684 -17.60 0.20 23.63
C GLY A 684 -18.60 -0.91 23.41
N TYR A 685 -19.29 -1.37 24.44
CA TYR A 685 -20.24 -2.45 24.30
C TYR A 685 -21.62 -1.91 23.96
N ARG A 686 -22.50 -2.81 23.51
CA ARG A 686 -23.86 -2.45 23.14
C ARG A 686 -24.82 -3.35 23.91
N VAL A 687 -25.66 -2.73 24.74
CA VAL A 687 -26.53 -3.45 25.66
C VAL A 687 -27.95 -3.46 25.10
N VAL A 688 -28.70 -4.52 25.44
CA VAL A 688 -30.09 -4.67 25.03
C VAL A 688 -30.89 -5.09 26.25
N ALA A 689 -32.04 -4.46 26.44
CA ALA A 689 -32.89 -4.72 27.59
C ALA A 689 -33.94 -5.77 27.24
N LEU A 690 -34.11 -6.72 28.16
CA LEU A 690 -35.14 -7.73 28.10
C LEU A 690 -36.15 -7.44 29.20
N ALA A 691 -37.42 -7.31 28.82
CA ALA A 691 -38.53 -7.09 29.74
C ALA A 691 -39.56 -8.17 29.52
N SER A 692 -40.48 -8.32 30.46
CA SER A 692 -41.47 -9.39 30.30
C SER A 692 -42.68 -9.13 31.18
N LYS A 693 -43.72 -9.94 30.95
CA LYS A 693 -44.95 -9.93 31.73
C LYS A 693 -45.76 -11.21 31.50
N PRO A 694 -46.34 -11.85 32.54
CA PRO A 694 -47.21 -13.00 32.27
C PRO A 694 -48.61 -12.62 31.79
N LEU A 695 -48.91 -12.92 30.52
CA LEU A 695 -50.23 -12.63 29.95
C LEU A 695 -51.23 -13.73 30.27
N ASP A 710 -49.37 -2.35 21.82
CA ASP A 710 -49.32 -1.47 22.97
C ASP A 710 -49.80 -2.18 24.23
N THR A 711 -50.79 -3.06 24.06
CA THR A 711 -51.29 -3.83 25.20
C THR A 711 -50.22 -4.72 25.78
N VAL A 712 -49.26 -5.13 24.96
CA VAL A 712 -48.24 -6.10 25.37
C VAL A 712 -47.04 -5.44 26.02
N GLU A 713 -46.56 -4.32 25.47
CA GLU A 713 -45.37 -3.66 25.98
C GLU A 713 -45.67 -2.65 27.08
N GLY A 714 -46.74 -2.86 27.84
CA GLY A 714 -47.13 -1.92 28.88
C GLY A 714 -46.56 -2.32 30.23
N ASP A 715 -47.39 -2.88 31.11
CA ASP A 715 -46.90 -3.37 32.39
C ASP A 715 -45.81 -4.42 32.18
N LEU A 716 -44.57 -4.08 32.56
CA LEU A 716 -43.44 -4.94 32.29
C LEU A 716 -42.48 -4.91 33.48
N SER A 717 -41.65 -5.94 33.55
CA SER A 717 -40.57 -6.02 34.53
C SER A 717 -39.32 -6.50 33.83
N LEU A 718 -38.17 -5.91 34.16
CA LEU A 718 -36.93 -6.26 33.50
C LEU A 718 -36.46 -7.64 33.96
N LEU A 719 -36.07 -8.47 32.99
CA LEU A 719 -35.51 -9.79 33.28
C LEU A 719 -34.00 -9.82 33.21
N GLY A 720 -33.38 -8.87 32.51
CA GLY A 720 -31.93 -8.85 32.41
C GLY A 720 -31.48 -7.94 31.30
N LEU A 721 -30.16 -7.93 31.11
CA LEU A 721 -29.50 -7.17 30.05
C LEU A 721 -28.55 -8.09 29.32
N LEU A 722 -28.64 -8.11 27.99
CA LEU A 722 -27.75 -8.89 27.14
C LEU A 722 -26.74 -7.95 26.50
N VAL A 723 -25.46 -8.24 26.69
CA VAL A 723 -24.37 -7.36 26.28
C VAL A 723 -23.62 -8.01 25.12
N MET A 724 -23.38 -7.21 24.09
CA MET A 724 -22.69 -7.65 22.88
C MET A 724 -21.38 -6.90 22.77
N ARG A 725 -20.38 -7.56 22.19
CA ARG A 725 -19.04 -7.02 22.14
C ARG A 725 -18.34 -7.53 20.88
N ASN A 726 -17.49 -6.69 20.32
CA ASN A 726 -16.68 -7.05 19.16
C ASN A 726 -15.35 -7.60 19.69
N LEU A 727 -15.22 -8.92 19.70
CA LEU A 727 -14.09 -9.56 20.35
C LEU A 727 -12.82 -9.38 19.53
N LEU A 728 -11.70 -9.23 20.24
CA LEU A 728 -10.40 -9.24 19.58
C LEU A 728 -10.15 -10.62 19.00
N LYS A 729 -9.54 -10.65 17.82
CA LYS A 729 -9.20 -11.92 17.22
C LYS A 729 -8.16 -12.62 18.09
N PRO A 730 -8.12 -13.95 18.09
CA PRO A 730 -7.22 -14.64 19.05
C PRO A 730 -5.76 -14.34 18.84
N GLN A 731 -5.35 -13.90 17.65
CA GLN A 731 -3.97 -13.53 17.37
C GLN A 731 -3.93 -12.06 16.94
N THR A 732 -4.02 -11.17 17.91
CA THR A 732 -3.70 -9.76 17.71
C THR A 732 -2.82 -9.21 18.82
N THR A 733 -3.07 -9.61 20.06
CA THR A 733 -2.24 -9.15 21.18
C THR A 733 -0.80 -9.65 21.05
N PRO A 734 -0.54 -10.94 20.78
CA PRO A 734 0.87 -11.35 20.61
C PRO A 734 1.56 -10.60 19.49
N VAL A 735 0.88 -10.40 18.37
CA VAL A 735 1.50 -9.73 17.24
C VAL A 735 1.75 -8.25 17.57
N ILE A 736 0.78 -7.60 18.20
CA ILE A 736 0.93 -6.18 18.53
C ILE A 736 2.08 -5.99 19.51
N GLN A 737 2.15 -6.84 20.54
CA GLN A 737 3.24 -6.70 21.50
C GLN A 737 4.58 -7.06 20.87
N ALA A 738 4.61 -8.04 19.96
CA ALA A 738 5.83 -8.36 19.25
C ALA A 738 6.33 -7.17 18.45
N LEU A 739 5.41 -6.47 17.77
CA LEU A 739 5.81 -5.26 17.05
C LEU A 739 6.29 -4.18 18.01
N ARG A 740 5.60 -4.02 19.15
CA ARG A 740 5.95 -2.95 20.07
C ARG A 740 7.33 -3.16 20.68
N ARG A 741 7.70 -4.40 20.96
CA ARG A 741 9.01 -4.65 21.56
C ARG A 741 10.16 -4.46 20.57
N THR A 742 9.87 -4.29 19.28
CA THR A 742 10.90 -3.97 18.28
C THR A 742 10.80 -2.53 17.81
N ARG A 743 10.04 -1.68 18.50
CA ARG A 743 9.97 -0.26 18.18
C ARG A 743 9.38 -0.02 16.80
N ILE A 744 8.35 -0.78 16.46
CA ILE A 744 7.50 -0.51 15.32
C ILE A 744 6.19 0.04 15.87
N ARG A 745 5.90 1.31 15.59
CA ARG A 745 4.75 1.96 16.18
C ARG A 745 3.47 1.49 15.49
N ALA A 746 2.48 1.11 16.29
CA ALA A 746 1.19 0.63 15.82
C ALA A 746 0.14 1.69 16.07
N VAL A 747 -0.71 1.93 15.06
CA VAL A 747 -1.76 2.93 15.13
C VAL A 747 -3.07 2.27 14.73
N MET A 748 -4.17 2.74 15.31
CA MET A 748 -5.51 2.28 14.96
C MET A 748 -6.22 3.36 14.16
N VAL A 749 -6.75 2.98 13.00
CA VAL A 749 -7.48 3.89 12.11
C VAL A 749 -8.76 3.15 11.71
N THR A 750 -9.87 3.56 12.33
CA THR A 750 -11.19 2.88 12.43
C THR A 750 -12.22 3.89 11.90
N GLY A 751 -13.35 3.50 11.31
CA GLY A 751 -14.55 4.29 11.20
C GLY A 751 -15.51 4.15 12.34
N ASP A 752 -15.17 3.40 13.38
CA ASP A 752 -16.04 3.22 14.52
C ASP A 752 -15.99 4.44 15.43
N ASN A 753 -16.82 4.42 16.47
CA ASN A 753 -16.77 5.48 17.47
C ASN A 753 -15.46 5.39 18.26
N LEU A 754 -15.22 6.43 19.06
CA LEU A 754 -13.96 6.52 19.78
C LEU A 754 -13.90 5.59 20.98
N GLN A 755 -15.04 5.33 21.62
CA GLN A 755 -15.02 4.53 22.85
C GLN A 755 -14.63 3.08 22.56
N THR A 756 -15.25 2.48 21.55
CA THR A 756 -14.87 1.14 21.16
C THR A 756 -13.41 1.10 20.71
N ALA A 757 -12.97 2.14 19.99
CA ALA A 757 -11.60 2.19 19.52
C ALA A 757 -10.61 2.18 20.68
N VAL A 758 -10.86 3.01 21.70
CA VAL A 758 -9.92 3.08 22.81
C VAL A 758 -9.95 1.80 23.64
N THR A 759 -11.13 1.21 23.85
CA THR A 759 -11.19 -0.03 24.60
C THR A 759 -10.44 -1.14 23.88
N VAL A 760 -10.62 -1.24 22.56
CA VAL A 760 -9.91 -2.26 21.79
C VAL A 760 -8.42 -1.99 21.80
N ALA A 761 -8.03 -0.72 21.73
CA ALA A 761 -6.61 -0.38 21.73
C ALA A 761 -5.96 -0.80 23.04
N ARG A 762 -6.63 -0.55 24.16
CA ARG A 762 -6.10 -1.00 25.44
C ARG A 762 -6.05 -2.52 25.51
N GLY A 763 -7.10 -3.18 25.01
CA GLY A 763 -7.14 -4.64 25.10
C GLY A 763 -6.06 -5.33 24.29
N CYS A 764 -5.83 -4.84 23.06
CA CYS A 764 -4.90 -5.50 22.16
C CYS A 764 -3.44 -5.18 22.45
N GLY A 765 -3.17 -4.22 23.32
CA GLY A 765 -1.81 -3.92 23.72
C GLY A 765 -1.17 -2.72 23.06
N MET A 766 -1.91 -1.97 22.23
CA MET A 766 -1.36 -0.74 21.67
C MET A 766 -1.11 0.31 22.74
N VAL A 767 -1.91 0.32 23.79
CA VAL A 767 -1.73 1.21 24.95
C VAL A 767 -1.49 0.31 26.15
N ALA A 768 -0.28 0.36 26.69
CA ALA A 768 0.03 -0.46 27.85
C ALA A 768 -0.78 0.04 29.05
N PRO A 769 -1.06 -0.82 30.03
CA PRO A 769 -1.89 -0.37 31.16
C PRO A 769 -1.29 0.77 31.96
N GLN A 770 0.04 0.94 31.94
CA GLN A 770 0.71 1.99 32.68
C GLN A 770 0.90 3.27 31.86
N GLU A 771 0.55 3.26 30.58
CA GLU A 771 0.78 4.41 29.71
C GLU A 771 -0.44 5.33 29.73
N HIS A 772 -0.19 6.64 29.73
CA HIS A 772 -1.27 7.61 29.68
C HIS A 772 -1.99 7.54 28.34
N LEU A 773 -3.13 8.22 28.29
CA LEU A 773 -3.90 8.32 27.06
C LEU A 773 -4.81 9.54 27.16
N ILE A 774 -4.79 10.37 26.13
CA ILE A 774 -5.48 11.66 26.14
C ILE A 774 -6.29 11.79 24.87
N ILE A 775 -7.53 12.25 24.99
CA ILE A 775 -8.41 12.48 23.86
C ILE A 775 -8.41 13.98 23.57
N VAL A 776 -7.98 14.34 22.37
CA VAL A 776 -8.01 15.73 21.94
C VAL A 776 -9.29 15.97 21.14
N HIS A 777 -10.05 17.00 21.53
CA HIS A 777 -11.30 17.34 20.88
C HIS A 777 -11.22 18.77 20.37
N ALA A 778 -11.69 18.97 19.14
CA ALA A 778 -11.62 20.27 18.47
C ALA A 778 -13.04 20.71 18.12
N THR A 779 -13.54 21.72 18.82
CA THR A 779 -14.86 22.26 18.53
C THR A 779 -14.83 23.03 17.21
N HIS A 780 -15.93 22.95 16.48
CA HIS A 780 -15.99 23.58 15.16
C HIS A 780 -15.97 25.09 15.29
N PRO A 781 -15.47 25.80 14.27
CA PRO A 781 -15.42 27.26 14.36
C PRO A 781 -16.80 27.91 14.29
N GLU A 782 -17.21 28.55 15.38
CA GLU A 782 -18.52 29.19 15.44
C GLU A 782 -18.61 30.44 14.58
N ARG A 783 -17.48 30.93 14.06
CA ARG A 783 -17.32 32.16 13.28
C ARG A 783 -17.31 33.40 14.18
N GLY A 784 -17.56 33.26 15.48
CA GLY A 784 -17.36 34.34 16.42
C GLY A 784 -16.08 34.13 17.20
N GLN A 785 -15.71 32.86 17.38
CA GLN A 785 -14.48 32.46 18.02
C GLN A 785 -13.90 31.30 17.21
N PRO A 786 -12.58 31.25 17.01
CA PRO A 786 -12.01 30.13 16.23
C PRO A 786 -12.16 28.81 16.96
N ALA A 787 -11.90 27.73 16.23
CA ALA A 787 -11.84 26.41 16.83
C ALA A 787 -10.69 26.36 17.83
N SER A 788 -10.89 25.62 18.92
CA SER A 788 -9.88 25.50 19.97
C SER A 788 -9.88 24.08 20.49
N LEU A 789 -8.68 23.57 20.77
CA LEU A 789 -8.52 22.20 21.21
C LEU A 789 -8.69 22.09 22.72
N GLU A 790 -9.21 20.94 23.16
CA GLU A 790 -9.36 20.62 24.56
C GLU A 790 -8.90 19.19 24.79
N PHE A 791 -8.08 18.99 25.81
CA PHE A 791 -7.45 17.71 26.10
C PHE A 791 -8.14 17.06 27.28
N LEU A 792 -8.63 15.83 27.08
CA LEU A 792 -9.35 15.10 28.11
C LEU A 792 -8.54 13.87 28.48
N PRO A 793 -7.95 13.80 29.69
CA PRO A 793 -7.29 12.54 30.08
C PRO A 793 -8.30 11.41 30.28
N MET A 794 -7.80 10.25 30.66
CA MET A 794 -8.66 9.08 30.90
C MET A 794 -8.12 8.35 32.12
N GLU A 795 -8.64 7.14 32.36
CA GLU A 795 -8.19 6.35 33.49
C GLU A 795 -6.69 6.10 33.41
N SER A 796 -6.02 6.24 34.55
CA SER A 796 -4.58 6.03 34.62
C SER A 796 -4.15 5.52 36.00
N SER A 820 5.75 6.67 27.65
CA SER A 820 5.22 7.02 26.34
C SER A 820 3.79 7.54 26.44
N ARG A 821 3.56 8.72 25.87
CA ARG A 821 2.23 9.32 25.82
C ARG A 821 1.51 8.90 24.55
N HIS A 822 0.20 8.74 24.66
CA HIS A 822 -0.65 8.32 23.56
C HIS A 822 -1.81 9.29 23.43
N LEU A 823 -2.18 9.62 22.19
CA LEU A 823 -3.30 10.50 21.89
C LEU A 823 -4.34 9.76 21.07
N ALA A 824 -5.61 9.92 21.46
CA ALA A 824 -6.74 9.31 20.78
C ALA A 824 -7.54 10.42 20.10
N LEU A 825 -7.36 10.53 18.78
CA LEU A 825 -7.98 11.57 17.99
C LEU A 825 -9.27 11.06 17.36
N SER A 826 -10.24 11.96 17.21
CA SER A 826 -11.52 11.63 16.61
C SER A 826 -11.46 11.85 15.10
N GLY A 827 -12.59 11.66 14.42
CA GLY A 827 -12.66 11.78 12.99
C GLY A 827 -12.76 13.21 12.51
N PRO A 828 -13.83 13.90 12.89
CA PRO A 828 -13.95 15.32 12.52
C PRO A 828 -12.83 16.18 13.09
N THR A 829 -12.35 15.84 14.28
CA THR A 829 -11.28 16.63 14.89
C THR A 829 -9.99 16.53 14.10
N PHE A 830 -9.77 15.40 13.42
CA PHE A 830 -8.60 15.28 12.56
C PHE A 830 -8.65 16.30 11.44
N GLY A 831 -9.78 16.40 10.75
CA GLY A 831 -9.91 17.41 9.71
C GLY A 831 -9.83 18.82 10.26
N ILE A 832 -10.39 19.04 11.46
CA ILE A 832 -10.35 20.37 12.06
C ILE A 832 -8.91 20.76 12.35
N ILE A 833 -8.12 19.83 12.89
CA ILE A 833 -6.72 20.12 13.18
C ILE A 833 -5.94 20.33 11.89
N VAL A 834 -6.28 19.57 10.84
CA VAL A 834 -5.58 19.73 9.57
C VAL A 834 -5.85 21.11 8.98
N LYS A 835 -7.09 21.58 9.08
CA LYS A 835 -7.49 22.83 8.44
C LYS A 835 -7.09 24.06 9.27
N HIS A 836 -7.40 24.06 10.56
CA HIS A 836 -7.25 25.23 11.41
C HIS A 836 -6.01 25.20 12.30
N PHE A 837 -5.31 24.06 12.39
CA PHE A 837 -4.08 23.96 13.17
C PHE A 837 -3.02 23.21 12.39
N PRO A 838 -2.55 23.76 11.26
CA PRO A 838 -1.49 23.07 10.52
C PRO A 838 -0.20 22.94 11.31
N LYS A 839 0.12 23.92 12.16
CA LYS A 839 1.41 23.90 12.84
C LYS A 839 1.48 22.81 13.90
N LEU A 840 0.37 22.51 14.57
CA LEU A 840 0.35 21.49 15.61
C LEU A 840 0.06 20.10 15.09
N LEU A 841 -0.33 19.97 13.82
CA LEU A 841 -0.63 18.64 13.28
C LEU A 841 0.55 17.69 13.32
N PRO A 842 1.78 18.08 12.98
CA PRO A 842 2.90 17.15 13.12
C PRO A 842 3.08 16.62 14.54
N LYS A 843 2.91 17.48 15.54
CA LYS A 843 3.07 17.03 16.92
C LYS A 843 2.04 15.98 17.29
N VAL A 844 0.79 16.18 16.88
CA VAL A 844 -0.25 15.21 17.16
C VAL A 844 0.01 13.91 16.41
N LEU A 845 0.40 14.00 15.14
CA LEU A 845 0.65 12.81 14.35
C LEU A 845 1.82 12.01 14.89
N VAL A 846 2.79 12.67 15.52
CA VAL A 846 3.96 11.97 16.03
C VAL A 846 3.57 11.00 17.14
N GLN A 847 2.62 11.39 17.98
CA GLN A 847 2.25 10.62 19.17
C GLN A 847 0.76 10.32 19.20
N GLY A 848 0.14 10.16 18.04
CA GLY A 848 -1.25 9.76 17.96
C GLY A 848 -1.35 8.29 17.62
N THR A 849 -2.24 7.58 18.34
CA THR A 849 -2.36 6.13 18.23
C THR A 849 -3.73 5.65 17.82
N VAL A 850 -4.79 6.42 18.05
CA VAL A 850 -6.16 6.01 17.73
C VAL A 850 -6.80 7.11 16.90
N PHE A 851 -7.41 6.72 15.79
CA PHE A 851 -8.10 7.64 14.89
C PHE A 851 -9.45 7.03 14.56
N ALA A 852 -10.50 7.50 15.22
CA ALA A 852 -11.83 6.93 15.14
C ALA A 852 -12.73 7.79 14.27
N ARG A 853 -13.80 7.16 13.77
CA ARG A 853 -14.77 7.84 12.90
C ARG A 853 -14.08 8.47 11.70
N MET A 854 -13.09 7.76 11.15
CA MET A 854 -12.34 8.27 10.01
C MET A 854 -13.07 7.94 8.72
N ALA A 855 -13.22 8.94 7.86
CA ALA A 855 -13.81 8.72 6.55
C ALA A 855 -12.81 7.98 5.66
N PRO A 856 -13.28 7.36 4.57
CA PRO A 856 -12.35 6.66 3.67
C PRO A 856 -11.25 7.57 3.14
N GLU A 857 -11.56 8.83 2.86
CA GLU A 857 -10.55 9.77 2.41
C GLU A 857 -9.65 10.22 3.57
N GLN A 858 -10.18 10.26 4.78
CA GLN A 858 -9.38 10.69 5.92
C GLN A 858 -8.27 9.68 6.23
N LYS A 859 -8.52 8.39 6.02
CA LYS A 859 -7.46 7.41 6.20
C LYS A 859 -6.31 7.67 5.23
N THR A 860 -6.64 7.92 3.96
CA THR A 860 -5.60 8.23 2.98
C THR A 860 -4.89 9.52 3.33
N GLU A 861 -5.63 10.51 3.83
CA GLU A 861 -5.02 11.77 4.25
C GLU A 861 -4.03 11.55 5.39
N LEU A 862 -4.42 10.74 6.38
CA LEU A 862 -3.52 10.44 7.49
C LEU A 862 -2.28 9.72 6.99
N VAL A 863 -2.45 8.76 6.10
CA VAL A 863 -1.30 8.03 5.56
C VAL A 863 -0.36 8.99 4.84
N CYS A 864 -0.92 9.90 4.03
CA CYS A 864 -0.10 10.84 3.31
C CYS A 864 0.66 11.77 4.25
N GLU A 865 -0.01 12.26 5.30
CA GLU A 865 0.68 13.14 6.24
C GLU A 865 1.79 12.40 6.97
N LEU A 866 1.53 11.17 7.41
CA LEU A 866 2.57 10.40 8.08
C LEU A 866 3.76 10.17 7.15
N GLN A 867 3.50 9.88 5.87
CA GLN A 867 4.60 9.77 4.92
C GLN A 867 5.33 11.08 4.75
N LYS A 868 4.62 12.20 4.77
CA LYS A 868 5.28 13.51 4.76
C LYS A 868 6.16 13.71 5.99
N LEU A 869 5.87 13.00 7.09
CA LEU A 869 6.73 13.05 8.27
C LEU A 869 7.92 12.10 8.17
N GLN A 870 8.30 11.68 6.97
CA GLN A 870 9.45 10.80 6.76
C GLN A 870 9.29 9.47 7.51
N TYR A 871 8.10 8.88 7.39
CA TYR A 871 7.84 7.54 7.87
C TYR A 871 7.81 6.56 6.71
N CYS A 872 7.88 5.28 7.04
CA CYS A 872 7.61 4.19 6.11
C CYS A 872 6.41 3.45 6.67
N VAL A 873 5.22 3.81 6.20
CA VAL A 873 3.97 3.36 6.79
C VAL A 873 3.39 2.22 5.96
N GLY A 874 2.95 1.17 6.66
CA GLY A 874 2.12 0.15 6.06
C GLY A 874 0.77 0.14 6.73
N MET A 875 -0.18 -0.54 6.09
CA MET A 875 -1.51 -0.68 6.70
C MET A 875 -2.06 -2.05 6.37
N CYS A 876 -2.84 -2.59 7.30
CA CYS A 876 -3.44 -3.92 7.20
C CYS A 876 -4.96 -3.85 7.19
N GLY A 877 -5.53 -2.93 6.42
CA GLY A 877 -6.98 -2.85 6.31
C GLY A 877 -7.56 -4.08 5.65
N ASP A 878 -8.88 -4.23 5.82
CA ASP A 878 -9.60 -5.38 5.27
C ASP A 878 -10.85 -4.98 4.50
N GLY A 879 -11.48 -3.87 4.89
CA GLY A 879 -12.75 -3.48 4.34
C GLY A 879 -12.63 -2.66 3.08
N ALA A 880 -13.78 -2.25 2.55
CA ALA A 880 -13.82 -1.41 1.37
C ALA A 880 -13.47 0.04 1.69
N ASN A 881 -13.79 0.49 2.90
CA ASN A 881 -13.52 1.88 3.27
C ASN A 881 -12.04 2.19 3.24
N ASP A 882 -11.21 1.27 3.73
CA ASP A 882 -9.77 1.48 3.79
C ASP A 882 -9.10 0.83 2.58
N CYS A 883 -9.40 1.41 1.41
CA CYS A 883 -8.77 1.02 0.15
C CYS A 883 -7.84 2.09 -0.39
N GLY A 884 -8.24 3.36 -0.31
CA GLY A 884 -7.32 4.42 -0.68
C GLY A 884 -6.10 4.45 0.20
N ALA A 885 -6.28 4.20 1.50
CA ALA A 885 -5.16 4.17 2.42
C ALA A 885 -4.19 3.03 2.08
N LEU A 886 -4.74 1.87 1.69
CA LEU A 886 -3.87 0.76 1.30
C LEU A 886 -3.05 1.12 0.06
N LYS A 887 -3.67 1.79 -0.91
CA LYS A 887 -2.94 2.23 -2.09
C LYS A 887 -1.86 3.23 -1.72
N ALA A 888 -2.18 4.17 -0.82
CA ALA A 888 -1.22 5.21 -0.48
C ALA A 888 -0.10 4.68 0.41
N ALA A 889 -0.37 3.64 1.20
CA ALA A 889 0.63 3.12 2.12
C ALA A 889 1.81 2.52 1.37
N ASP A 890 2.98 2.59 2.01
CA ASP A 890 4.18 1.99 1.41
C ASP A 890 4.02 0.48 1.29
N VAL A 891 3.46 -0.17 2.30
CA VAL A 891 3.27 -1.62 2.32
C VAL A 891 1.83 -1.85 2.75
N GLY A 892 0.93 -2.02 1.78
CA GLY A 892 -0.47 -2.29 2.07
C GLY A 892 -0.76 -3.77 2.05
N ILE A 893 -1.59 -4.21 3.00
CA ILE A 893 -1.96 -5.61 3.15
C ILE A 893 -3.47 -5.70 3.28
N SER A 894 -4.07 -6.62 2.54
CA SER A 894 -5.51 -6.85 2.57
C SER A 894 -5.80 -8.24 3.13
N LEU A 895 -6.70 -8.30 4.11
CA LEU A 895 -7.15 -9.54 4.70
C LEU A 895 -8.39 -10.11 4.02
N SER A 896 -9.01 -9.36 3.11
CA SER A 896 -10.16 -9.82 2.36
C SER A 896 -9.74 -10.11 0.92
N GLN A 897 -10.17 -11.26 0.41
CA GLN A 897 -9.81 -11.68 -0.94
C GLN A 897 -10.68 -11.05 -2.01
N ALA A 898 -11.49 -10.05 -1.68
CA ALA A 898 -12.31 -9.37 -2.66
C ALA A 898 -12.65 -7.98 -2.13
N GLU A 899 -12.78 -7.03 -3.06
CA GLU A 899 -13.14 -5.63 -2.86
C GLU A 899 -11.96 -4.82 -2.30
N ALA A 900 -10.89 -5.45 -1.84
CA ALA A 900 -9.71 -4.73 -1.35
C ALA A 900 -8.40 -5.28 -1.88
N SER A 901 -8.34 -6.53 -2.36
CA SER A 901 -7.12 -7.06 -2.92
C SER A 901 -6.72 -6.38 -4.22
N VAL A 902 -7.65 -5.64 -4.85
CA VAL A 902 -7.35 -5.00 -6.11
C VAL A 902 -6.23 -3.98 -5.96
N VAL A 903 -6.28 -3.18 -4.91
CA VAL A 903 -5.36 -2.05 -4.74
C VAL A 903 -4.17 -2.47 -3.89
N SER A 904 -4.37 -3.41 -2.98
CA SER A 904 -3.32 -3.77 -2.04
C SER A 904 -2.16 -4.44 -2.78
N PRO A 905 -0.90 -4.04 -2.51
CA PRO A 905 0.22 -4.82 -3.06
C PRO A 905 0.31 -6.24 -2.52
N PHE A 906 -0.23 -6.50 -1.34
CA PHE A 906 -0.19 -7.82 -0.72
C PHE A 906 -1.60 -8.21 -0.28
N THR A 907 -1.85 -9.52 -0.27
CA THR A 907 -3.14 -10.05 0.14
C THR A 907 -2.92 -11.40 0.79
N SER A 908 -3.49 -11.60 1.98
CA SER A 908 -3.34 -12.82 2.74
C SER A 908 -4.67 -13.58 2.73
N SER A 909 -4.62 -14.86 2.37
CA SER A 909 -5.82 -15.69 2.41
C SER A 909 -6.35 -15.79 3.84
N MET A 910 -5.48 -16.18 4.78
CA MET A 910 -5.84 -16.14 6.19
C MET A 910 -5.99 -14.70 6.64
N ALA A 911 -7.02 -14.44 7.44
CA ALA A 911 -7.43 -13.08 7.80
C ALA A 911 -7.15 -12.84 9.27
N SER A 912 -5.94 -12.37 9.55
CA SER A 912 -5.56 -11.94 10.89
C SER A 912 -4.24 -11.19 10.76
N ILE A 913 -3.77 -10.64 11.89
CA ILE A 913 -2.62 -9.74 11.87
C ILE A 913 -1.30 -10.47 11.70
N GLU A 914 -1.29 -11.81 11.83
CA GLU A 914 -0.04 -12.55 11.75
C GLU A 914 0.66 -12.38 10.41
N CYS A 915 -0.06 -12.02 9.35
CA CYS A 915 0.58 -11.78 8.07
C CYS A 915 1.53 -10.60 8.12
N VAL A 916 1.25 -9.62 8.98
CA VAL A 916 2.08 -8.41 9.03
C VAL A 916 3.52 -8.70 9.43
N PRO A 917 3.80 -9.35 10.56
CA PRO A 917 5.21 -9.52 10.97
C PRO A 917 6.04 -10.32 9.98
N MET A 918 5.56 -11.49 9.54
CA MET A 918 6.36 -12.30 8.63
C MET A 918 6.75 -11.52 7.39
N VAL A 919 5.81 -10.78 6.80
CA VAL A 919 6.12 -9.95 5.65
C VAL A 919 7.27 -9.01 5.98
N ILE A 920 7.19 -8.33 7.13
CA ILE A 920 8.27 -7.45 7.55
C ILE A 920 9.57 -8.22 7.59
N ARG A 921 9.57 -9.39 8.23
CA ARG A 921 10.79 -10.20 8.26
C ARG A 921 11.26 -10.49 6.84
N GLU A 922 10.34 -10.94 5.98
CA GLU A 922 10.70 -11.20 4.60
C GLU A 922 11.26 -9.95 3.95
N GLY A 923 10.62 -8.80 4.19
CA GLY A 923 11.10 -7.57 3.60
C GLY A 923 12.53 -7.30 3.97
N ARG A 924 12.91 -7.56 5.22
CA ARG A 924 14.27 -7.29 5.64
C ARG A 924 15.25 -8.11 4.84
N CYS A 925 14.94 -9.39 4.59
CA CYS A 925 15.79 -10.19 3.72
C CYS A 925 15.94 -9.52 2.37
N SER A 926 14.81 -9.13 1.76
CA SER A 926 14.87 -8.50 0.46
C SER A 926 15.63 -7.18 0.54
N LEU A 927 15.54 -6.49 1.69
CA LEU A 927 16.28 -5.25 1.83
C LEU A 927 17.73 -5.52 2.20
N ASP A 928 18.01 -6.68 2.79
CA ASP A 928 19.38 -7.02 3.17
C ASP A 928 20.13 -7.72 2.06
N THR A 929 19.58 -8.83 1.55
CA THR A 929 20.22 -9.54 0.45
C THR A 929 20.50 -8.61 -0.71
N SER A 930 19.52 -7.76 -1.06
CA SER A 930 19.71 -6.80 -2.13
C SER A 930 21.00 -6.01 -1.93
N PHE A 931 21.21 -5.49 -0.72
CA PHE A 931 22.43 -4.75 -0.44
C PHE A 931 23.66 -5.56 -0.81
N SER A 932 23.75 -6.79 -0.28
CA SER A 932 24.88 -7.64 -0.61
C SER A 932 24.96 -7.82 -2.11
N VAL A 933 23.83 -8.14 -2.75
CA VAL A 933 23.82 -8.31 -4.20
C VAL A 933 24.36 -7.05 -4.86
N PHE A 934 23.85 -5.89 -4.46
CA PHE A 934 24.31 -4.64 -5.03
C PHE A 934 25.82 -4.55 -4.93
N LYS A 935 26.34 -4.77 -3.72
CA LYS A 935 27.77 -4.63 -3.52
C LYS A 935 28.53 -5.54 -4.48
N TYR A 936 28.12 -6.81 -4.56
CA TYR A 936 28.80 -7.74 -5.44
C TYR A 936 28.80 -7.21 -6.86
N MET A 937 27.64 -6.79 -7.35
CA MET A 937 27.57 -6.31 -8.72
C MET A 937 28.53 -5.15 -8.92
N ALA A 938 28.53 -4.19 -7.98
CA ALA A 938 29.46 -3.09 -8.09
C ALA A 938 30.88 -3.61 -8.18
N LEU A 939 31.26 -4.48 -7.24
CA LEU A 939 32.59 -5.06 -7.28
C LEU A 939 32.80 -5.80 -8.58
N TYR A 940 32.02 -6.81 -8.91
CA TYR A 940 32.09 -7.48 -10.22
C TYR A 940 32.36 -6.43 -11.31
N SER A 941 31.60 -5.34 -11.43
CA SER A 941 31.90 -4.41 -12.51
C SER A 941 33.29 -3.82 -12.31
N LEU A 942 33.52 -3.21 -11.15
CA LEU A 942 34.68 -2.36 -11.01
C LEU A 942 35.97 -3.15 -11.17
N THR A 943 36.07 -4.31 -10.50
CA THR A 943 37.28 -5.11 -10.67
C THR A 943 37.48 -5.48 -12.13
N GLN A 944 36.41 -5.88 -12.82
CA GLN A 944 36.51 -6.18 -14.23
C GLN A 944 37.07 -4.99 -14.98
N PHE A 945 36.52 -3.80 -14.71
CA PHE A 945 37.02 -2.58 -15.33
C PHE A 945 38.51 -2.45 -15.10
N ILE A 946 38.95 -2.61 -13.84
CA ILE A 946 40.38 -2.49 -13.54
C ILE A 946 41.17 -3.47 -14.39
N SER A 947 40.75 -4.73 -14.42
CA SER A 947 41.49 -5.72 -15.18
C SER A 947 41.56 -5.32 -16.63
N VAL A 948 40.43 -4.88 -17.20
CA VAL A 948 40.42 -4.46 -18.59
C VAL A 948 41.45 -3.37 -18.81
N LEU A 949 41.47 -2.38 -17.91
CA LEU A 949 42.42 -1.29 -18.04
C LEU A 949 43.83 -1.82 -18.10
N ILE A 950 44.18 -2.75 -17.22
CA ILE A 950 45.53 -3.30 -17.22
C ILE A 950 45.85 -3.87 -18.58
N LEU A 951 44.95 -4.69 -19.12
CA LEU A 951 45.22 -5.28 -20.43
C LEU A 951 45.18 -4.21 -21.51
N TYR A 952 44.28 -3.24 -21.38
CA TYR A 952 44.25 -2.16 -22.36
C TYR A 952 45.53 -1.34 -22.31
N THR A 953 46.25 -1.39 -21.18
CA THR A 953 47.51 -0.67 -21.09
C THR A 953 48.59 -1.29 -21.97
N ILE A 954 48.40 -2.53 -22.42
CA ILE A 954 49.41 -3.22 -23.20
C ILE A 954 48.81 -3.78 -24.49
N ASN A 955 47.75 -3.13 -24.98
CA ASN A 955 47.14 -3.49 -26.25
C ASN A 955 46.67 -4.95 -26.23
N THR A 956 45.86 -5.26 -25.23
CA THR A 956 45.34 -6.62 -25.08
C THR A 956 43.99 -6.53 -24.38
N ASN A 957 43.21 -7.61 -24.52
CA ASN A 957 41.88 -7.70 -23.95
C ASN A 957 41.69 -9.11 -23.41
N LEU A 958 40.64 -9.31 -22.62
CA LEU A 958 40.41 -10.60 -22.00
C LEU A 958 40.22 -11.68 -23.06
N GLY A 959 39.18 -11.54 -23.88
CA GLY A 959 38.81 -12.55 -24.86
C GLY A 959 37.33 -12.83 -24.74
N ASP A 960 36.71 -13.17 -25.87
CA ASP A 960 35.26 -13.36 -25.89
C ASP A 960 34.84 -14.49 -24.96
N LEU A 961 35.53 -15.62 -25.02
CA LEU A 961 35.18 -16.75 -24.16
C LEU A 961 35.48 -16.43 -22.70
N GLN A 962 36.59 -15.74 -22.44
CA GLN A 962 36.87 -15.30 -21.08
C GLN A 962 35.79 -14.35 -20.59
N PHE A 963 35.37 -13.41 -21.44
CA PHE A 963 34.33 -12.47 -21.06
C PHE A 963 33.04 -13.20 -20.73
N LEU A 964 32.69 -14.20 -21.54
CA LEU A 964 31.48 -14.96 -21.27
C LEU A 964 31.60 -15.79 -20.00
N ALA A 965 32.77 -16.38 -19.75
CA ALA A 965 32.97 -17.19 -18.56
C ALA A 965 33.02 -16.35 -17.28
N ILE A 966 33.26 -15.05 -17.39
CA ILE A 966 33.15 -14.15 -16.25
C ILE A 966 31.74 -13.59 -16.11
N ASP A 967 31.10 -13.24 -17.23
CA ASP A 967 29.81 -12.56 -17.17
C ASP A 967 28.65 -13.54 -17.07
N LEU A 968 28.73 -14.66 -17.78
CA LEU A 968 27.59 -15.57 -17.86
C LEU A 968 27.52 -16.49 -16.64
N VAL A 969 28.55 -17.31 -16.43
CA VAL A 969 28.42 -18.41 -15.48
C VAL A 969 28.65 -17.91 -14.05
N ILE A 970 29.74 -17.19 -13.81
CA ILE A 970 30.12 -16.83 -12.45
C ILE A 970 29.09 -15.87 -11.86
N THR A 971 28.78 -14.79 -12.58
CA THR A 971 27.88 -13.79 -12.04
C THR A 971 26.49 -14.35 -11.84
N THR A 972 25.95 -15.02 -12.85
CA THR A 972 24.60 -15.58 -12.72
C THR A 972 24.55 -16.57 -11.57
N THR A 973 25.51 -17.50 -11.51
CA THR A 973 25.50 -18.52 -10.47
C THR A 973 25.55 -17.89 -9.09
N VAL A 974 26.53 -17.03 -8.83
CA VAL A 974 26.66 -16.47 -7.49
C VAL A 974 25.49 -15.56 -7.17
N ALA A 975 25.03 -14.77 -8.14
CA ALA A 975 23.96 -13.82 -7.87
C ALA A 975 22.65 -14.52 -7.52
N VAL A 976 22.32 -15.59 -8.24
CA VAL A 976 21.07 -16.29 -7.93
C VAL A 976 21.23 -17.12 -6.65
N LEU A 977 22.39 -17.74 -6.46
CA LEU A 977 22.53 -18.65 -5.32
C LEU A 977 22.77 -17.93 -4.01
N MET A 978 23.18 -16.66 -4.03
CA MET A 978 23.32 -15.89 -2.81
C MET A 978 22.00 -15.27 -2.35
N SER A 979 20.93 -15.43 -3.12
CA SER A 979 19.62 -14.88 -2.77
C SER A 979 18.70 -15.93 -2.15
N ARG A 980 19.16 -17.17 -1.96
CA ARG A 980 18.29 -18.21 -1.44
C ARG A 980 17.99 -18.03 0.05
N THR A 981 18.86 -17.34 0.77
CA THR A 981 18.77 -17.32 2.23
C THR A 981 17.46 -16.69 2.70
N GLY A 982 16.94 -17.22 3.80
CA GLY A 982 15.71 -16.75 4.39
C GLY A 982 15.95 -15.99 5.68
N PRO A 983 14.89 -15.50 6.29
CA PRO A 983 15.02 -14.70 7.51
C PRO A 983 15.44 -15.54 8.72
N ALA A 984 15.70 -14.83 9.81
CA ALA A 984 16.28 -15.41 11.02
C ALA A 984 15.23 -15.84 12.04
N LEU A 985 13.96 -15.89 11.66
CA LEU A 985 12.85 -16.39 12.48
C LEU A 985 12.45 -15.44 13.60
N VAL A 986 13.14 -14.32 13.79
CA VAL A 986 12.84 -13.38 14.86
C VAL A 986 12.96 -11.97 14.33
N LEU A 987 12.29 -11.04 15.03
CA LEU A 987 12.29 -9.63 14.70
C LEU A 987 13.17 -8.91 15.71
N GLY A 988 14.31 -8.41 15.24
CA GLY A 988 15.18 -7.63 16.10
C GLY A 988 14.71 -6.19 16.21
N ARG A 989 15.28 -5.49 17.20
CA ARG A 989 14.95 -4.10 17.43
C ARG A 989 15.60 -3.16 16.43
N VAL A 990 16.55 -3.65 15.62
CA VAL A 990 17.38 -2.81 14.76
C VAL A 990 16.99 -3.06 13.31
N ARG A 991 16.80 -1.98 12.56
CA ARG A 991 16.50 -2.09 11.15
C ARG A 991 17.77 -2.33 10.36
N PRO A 992 17.68 -2.90 9.16
CA PRO A 992 18.86 -2.99 8.31
C PRO A 992 19.22 -1.63 7.73
N PRO A 993 20.41 -1.49 7.14
CA PRO A 993 20.75 -0.22 6.51
C PRO A 993 19.77 0.12 5.39
N GLY A 994 19.42 1.40 5.30
CA GLY A 994 18.43 1.85 4.34
C GLY A 994 19.02 2.43 3.07
N ALA A 995 20.03 3.29 3.22
CA ALA A 995 20.63 4.02 2.10
C ALA A 995 21.81 3.22 1.56
N LEU A 996 21.79 2.95 0.26
CA LEU A 996 22.90 2.23 -0.37
C LEU A 996 24.16 3.08 -0.43
N LEU A 997 24.03 4.40 -0.40
CA LEU A 997 25.16 5.32 -0.39
C LEU A 997 25.69 5.61 1.01
N SER A 998 25.41 4.71 1.96
CA SER A 998 25.81 4.91 3.33
C SER A 998 27.34 4.78 3.48
N VAL A 999 27.84 5.33 4.57
CA VAL A 999 29.28 5.22 4.86
C VAL A 999 29.74 3.77 4.91
N PRO A 1000 29.07 2.85 5.61
CA PRO A 1000 29.55 1.46 5.61
C PRO A 1000 29.62 0.83 4.22
N VAL A 1001 28.63 1.05 3.36
CA VAL A 1001 28.65 0.44 2.04
C VAL A 1001 29.83 0.98 1.24
N LEU A 1002 30.00 2.30 1.22
CA LEU A 1002 31.09 2.89 0.45
C LEU A 1002 32.45 2.47 1.01
N SER A 1003 32.59 2.44 2.33
CA SER A 1003 33.86 2.04 2.92
C SER A 1003 34.19 0.60 2.59
N SER A 1004 33.21 -0.30 2.69
CA SER A 1004 33.45 -1.70 2.36
C SER A 1004 33.85 -1.86 0.91
N LEU A 1005 33.11 -1.20 0.00
CA LEU A 1005 33.43 -1.29 -1.41
C LEU A 1005 34.82 -0.76 -1.70
N LEU A 1006 35.15 0.40 -1.12
CA LEU A 1006 36.44 1.03 -1.39
C LEU A 1006 37.59 0.19 -0.88
N LEU A 1007 37.46 -0.36 0.34
CA LEU A 1007 38.54 -1.18 0.87
C LEU A 1007 38.68 -2.47 0.08
N GLN A 1008 37.56 -3.10 -0.29
CA GLN A 1008 37.64 -4.32 -1.06
C GLN A 1008 38.31 -4.07 -2.41
N MET A 1009 37.99 -2.94 -3.05
CA MET A 1009 38.66 -2.62 -4.31
C MET A 1009 40.12 -2.25 -4.13
N VAL A 1010 40.48 -1.57 -3.05
CA VAL A 1010 41.90 -1.32 -2.82
C VAL A 1010 42.63 -2.64 -2.74
N LEU A 1011 42.05 -3.60 -2.02
CA LEU A 1011 42.66 -4.93 -1.94
C LEU A 1011 42.75 -5.60 -3.31
N VAL A 1012 41.65 -5.58 -4.06
CA VAL A 1012 41.61 -6.30 -5.35
C VAL A 1012 42.59 -5.69 -6.34
N THR A 1013 42.61 -4.37 -6.42
CA THR A 1013 43.54 -3.68 -7.29
C THR A 1013 44.97 -3.97 -6.87
N GLY A 1014 45.23 -4.00 -5.55
CA GLY A 1014 46.55 -4.34 -5.09
C GLY A 1014 46.99 -5.72 -5.55
N VAL A 1015 46.12 -6.71 -5.41
CA VAL A 1015 46.47 -8.07 -5.82
C VAL A 1015 46.70 -8.14 -7.33
N GLN A 1016 45.82 -7.53 -8.12
CA GLN A 1016 45.98 -7.64 -9.57
C GLN A 1016 47.25 -6.95 -10.04
N LEU A 1017 47.50 -5.72 -9.60
CA LEU A 1017 48.72 -5.03 -10.01
C LEU A 1017 49.96 -5.73 -9.49
N GLY A 1018 49.91 -6.24 -8.25
CA GLY A 1018 51.05 -6.97 -7.73
C GLY A 1018 51.34 -8.23 -8.52
N GLY A 1019 50.29 -8.96 -8.89
CA GLY A 1019 50.49 -10.13 -9.73
C GLY A 1019 51.08 -9.76 -11.08
N TYR A 1020 50.61 -8.68 -11.69
CA TYR A 1020 51.15 -8.26 -12.98
C TYR A 1020 52.62 -7.89 -12.84
N PHE A 1021 52.98 -7.13 -11.81
CA PHE A 1021 54.36 -6.71 -11.66
C PHE A 1021 55.25 -7.85 -11.17
N LEU A 1022 54.67 -8.91 -10.62
CA LEU A 1022 55.47 -10.05 -10.20
C LEU A 1022 55.72 -11.01 -11.36
N THR A 1023 54.73 -11.18 -12.24
CA THR A 1023 54.91 -12.09 -13.37
C THR A 1023 55.92 -11.56 -14.38
N LEU A 1024 56.22 -10.26 -14.38
CA LEU A 1024 57.24 -9.73 -15.28
C LEU A 1024 58.66 -10.09 -14.85
N ALA A 1025 58.87 -10.37 -13.58
CA ALA A 1025 60.21 -10.72 -13.07
C ALA A 1025 60.34 -12.23 -12.99
N GLN A 1026 60.41 -12.85 -14.17
CA GLN A 1026 60.62 -14.28 -14.29
C GLN A 1026 61.65 -14.55 -15.38
N PRO A 1027 62.44 -15.62 -15.26
CA PRO A 1027 63.32 -15.97 -16.40
C PRO A 1027 62.55 -16.46 -17.61
N TRP A 1028 61.36 -17.01 -17.43
CA TRP A 1028 60.62 -17.68 -18.49
C TRP A 1028 59.56 -16.79 -19.12
N PHE A 1029 59.52 -15.50 -18.79
CA PHE A 1029 58.52 -14.60 -19.32
C PHE A 1029 59.00 -13.92 -20.59
N VAL A 1030 58.11 -13.80 -21.57
CA VAL A 1030 58.37 -13.05 -22.80
C VAL A 1030 57.14 -12.18 -23.05
N PRO A 1031 57.29 -10.86 -23.29
CA PRO A 1031 56.11 -10.04 -23.52
C PRO A 1031 55.41 -10.38 -24.82
N LEU A 1032 54.12 -10.07 -24.85
CA LEU A 1032 53.37 -10.15 -26.10
C LEU A 1032 53.88 -9.08 -27.07
N ASN A 1033 53.74 -9.35 -28.36
CA ASN A 1033 54.04 -8.35 -29.38
C ASN A 1033 52.82 -7.46 -29.57
N ARG A 1034 53.03 -6.15 -29.40
CA ARG A 1034 51.94 -5.19 -29.39
C ARG A 1034 51.57 -4.69 -30.78
N THR A 1035 52.23 -5.19 -31.84
CA THR A 1035 51.88 -4.85 -33.21
C THR A 1035 50.58 -5.52 -33.66
N VAL A 1036 50.03 -6.44 -32.88
CA VAL A 1036 48.88 -7.23 -33.27
C VAL A 1036 47.69 -6.80 -32.41
N ALA A 1037 46.50 -7.05 -32.93
CA ALA A 1037 45.27 -6.62 -32.27
C ALA A 1037 45.09 -7.32 -30.92
N ALA A 1038 44.11 -6.84 -30.17
CA ALA A 1038 43.85 -7.39 -28.84
C ALA A 1038 43.48 -8.86 -28.86
N PRO A 1039 42.52 -9.33 -29.67
CA PRO A 1039 42.17 -10.76 -29.62
C PRO A 1039 43.18 -11.67 -30.28
N ASP A 1040 43.95 -11.18 -31.24
CA ASP A 1040 44.96 -11.96 -31.91
C ASP A 1040 46.27 -12.04 -31.13
N ASN A 1041 46.39 -11.32 -30.02
CA ASN A 1041 47.55 -11.48 -29.14
C ASN A 1041 47.47 -12.75 -28.31
N LEU A 1042 46.30 -13.41 -28.24
CA LEU A 1042 46.14 -14.55 -27.36
C LEU A 1042 46.49 -15.84 -28.07
N PRO A 1043 46.95 -16.89 -27.36
CA PRO A 1043 47.22 -16.98 -25.91
C PRO A 1043 48.40 -16.12 -25.50
N ASN A 1044 48.41 -15.68 -24.24
CA ASN A 1044 49.29 -14.60 -23.82
C ASN A 1044 49.52 -14.72 -22.32
N TYR A 1045 50.74 -14.37 -21.89
CA TYR A 1045 51.10 -14.51 -20.48
C TYR A 1045 50.34 -13.52 -19.61
N GLU A 1046 50.30 -12.26 -20.02
CA GLU A 1046 49.59 -11.25 -19.23
C GLU A 1046 48.11 -11.58 -19.15
N ASN A 1047 47.52 -11.99 -20.26
CA ASN A 1047 46.10 -12.30 -20.28
C ASN A 1047 45.78 -13.45 -19.35
N THR A 1048 46.55 -14.54 -19.43
CA THR A 1048 46.25 -15.69 -18.60
C THR A 1048 46.48 -15.39 -17.13
N VAL A 1049 47.53 -14.63 -16.80
CA VAL A 1049 47.79 -14.30 -15.41
C VAL A 1049 46.64 -13.46 -14.84
N VAL A 1050 46.26 -12.41 -15.57
CA VAL A 1050 45.21 -11.52 -15.07
C VAL A 1050 43.88 -12.25 -14.97
N PHE A 1051 43.55 -13.07 -15.97
CA PHE A 1051 42.31 -13.83 -15.91
C PHE A 1051 42.31 -14.79 -14.74
N SER A 1052 43.44 -15.46 -14.49
CA SER A 1052 43.53 -16.40 -13.39
C SER A 1052 43.28 -15.70 -12.06
N LEU A 1053 43.90 -14.53 -11.87
CA LEU A 1053 43.69 -13.80 -10.62
C LEU A 1053 42.24 -13.32 -10.51
N SER A 1054 41.72 -12.69 -11.56
CA SER A 1054 40.40 -12.07 -11.48
C SER A 1054 39.31 -13.11 -11.29
N SER A 1055 39.44 -14.28 -11.92
CA SER A 1055 38.39 -15.29 -11.84
C SER A 1055 38.18 -15.75 -10.40
N PHE A 1056 39.28 -15.98 -9.68
CA PHE A 1056 39.17 -16.28 -8.25
C PHE A 1056 38.65 -15.09 -7.48
N GLN A 1057 39.07 -13.88 -7.85
CA GLN A 1057 38.63 -12.69 -7.12
C GLN A 1057 37.12 -12.53 -7.16
N TYR A 1058 36.49 -12.88 -8.27
CA TYR A 1058 35.03 -12.76 -8.36
C TYR A 1058 34.35 -13.64 -7.32
N LEU A 1059 34.78 -14.89 -7.21
CA LEU A 1059 34.20 -15.79 -6.22
C LEU A 1059 34.51 -15.32 -4.81
N ILE A 1060 35.71 -14.81 -4.59
CA ILE A 1060 36.08 -14.31 -3.27
C ILE A 1060 35.16 -13.18 -2.86
N LEU A 1061 34.92 -12.24 -3.78
CA LEU A 1061 34.03 -11.12 -3.48
C LEU A 1061 32.61 -11.59 -3.23
N ALA A 1062 32.13 -12.52 -4.06
CA ALA A 1062 30.77 -13.02 -3.89
C ALA A 1062 30.60 -13.70 -2.53
N ALA A 1063 31.63 -14.43 -2.09
CA ALA A 1063 31.53 -15.12 -0.81
C ALA A 1063 31.62 -14.14 0.36
N ALA A 1064 32.53 -13.18 0.27
CA ALA A 1064 32.76 -12.27 1.40
C ALA A 1064 31.62 -11.27 1.56
N VAL A 1065 31.00 -10.86 0.46
CA VAL A 1065 30.02 -9.79 0.53
C VAL A 1065 28.76 -10.24 1.27
N SER A 1066 28.35 -11.49 1.08
CA SER A 1066 27.09 -11.96 1.65
C SER A 1066 27.19 -12.06 3.16
N LYS A 1067 26.05 -11.86 3.82
CA LYS A 1067 25.94 -11.86 5.27
C LYS A 1067 24.88 -12.86 5.71
N GLY A 1068 24.85 -13.10 7.01
CA GLY A 1068 23.87 -14.00 7.61
C GLY A 1068 22.95 -13.28 8.58
N ALA A 1069 23.18 -13.48 9.88
CA ALA A 1069 22.37 -12.86 10.90
C ALA A 1069 22.59 -11.35 10.89
N PRO A 1070 21.66 -10.56 11.47
CA PRO A 1070 20.41 -10.94 12.14
C PRO A 1070 19.19 -10.94 11.23
N PHE A 1071 19.33 -10.46 10.00
CA PHE A 1071 18.19 -10.34 9.09
C PHE A 1071 18.02 -11.56 8.19
N ARG A 1072 19.04 -12.40 8.06
CA ARG A 1072 18.98 -13.59 7.23
C ARG A 1072 19.50 -14.77 8.03
N ARG A 1073 19.22 -15.97 7.52
CA ARG A 1073 19.77 -17.17 8.11
C ARG A 1073 21.29 -17.15 7.96
N PRO A 1074 22.01 -17.89 8.80
CA PRO A 1074 23.48 -17.87 8.69
C PRO A 1074 23.94 -18.34 7.32
N LEU A 1075 25.08 -17.79 6.90
CA LEU A 1075 25.55 -17.98 5.53
C LEU A 1075 25.92 -19.43 5.22
N TYR A 1076 26.09 -20.27 6.23
CA TYR A 1076 26.46 -21.66 5.99
C TYR A 1076 25.25 -22.56 5.79
N THR A 1077 24.02 -22.05 5.90
CA THR A 1077 22.85 -22.90 5.72
C THR A 1077 22.62 -23.23 4.25
N ASN A 1078 22.78 -22.26 3.36
CA ASN A 1078 22.52 -22.48 1.93
C ASN A 1078 23.69 -23.30 1.37
N VAL A 1079 23.61 -24.61 1.56
CA VAL A 1079 24.59 -25.55 1.05
C VAL A 1079 24.77 -25.39 -0.46
N PRO A 1080 23.70 -25.19 -1.26
CA PRO A 1080 23.92 -24.99 -2.69
C PRO A 1080 24.89 -23.87 -3.03
N PHE A 1081 24.83 -22.74 -2.33
CA PHE A 1081 25.72 -21.63 -2.65
C PHE A 1081 27.17 -21.98 -2.34
N LEU A 1082 27.43 -22.56 -1.17
CA LEU A 1082 28.79 -22.94 -0.82
C LEU A 1082 29.32 -24.01 -1.75
N VAL A 1083 28.48 -24.97 -2.13
CA VAL A 1083 28.92 -26.01 -3.04
C VAL A 1083 29.22 -25.43 -4.41
N ALA A 1084 28.42 -24.46 -4.86
CA ALA A 1084 28.71 -23.80 -6.12
C ALA A 1084 30.04 -23.08 -6.07
N LEU A 1085 30.31 -22.38 -4.97
CA LEU A 1085 31.60 -21.71 -4.83
C LEU A 1085 32.74 -22.72 -4.85
N ALA A 1086 32.57 -23.83 -4.14
CA ALA A 1086 33.62 -24.85 -4.11
C ALA A 1086 33.87 -25.43 -5.48
N LEU A 1087 32.81 -25.73 -6.24
CA LEU A 1087 32.99 -26.31 -7.56
C LEU A 1087 33.62 -25.30 -8.53
N LEU A 1088 33.19 -24.04 -8.47
CA LEU A 1088 33.78 -23.03 -9.34
C LEU A 1088 35.26 -22.85 -9.03
N SER A 1089 35.60 -22.78 -7.74
CA SER A 1089 37.01 -22.68 -7.37
C SER A 1089 37.79 -23.92 -7.78
N SER A 1090 37.15 -25.10 -7.71
CA SER A 1090 37.83 -26.33 -8.13
C SER A 1090 38.17 -26.29 -9.61
N VAL A 1091 37.21 -25.88 -10.45
CA VAL A 1091 37.50 -25.81 -11.88
C VAL A 1091 38.52 -24.72 -12.17
N LEU A 1092 38.49 -23.62 -11.42
CA LEU A 1092 39.47 -22.56 -11.66
C LEU A 1092 40.88 -23.00 -11.29
N VAL A 1093 41.04 -23.67 -10.14
CA VAL A 1093 42.37 -24.15 -9.79
C VAL A 1093 42.81 -25.24 -10.75
N GLY A 1094 41.87 -26.02 -11.29
CA GLY A 1094 42.23 -26.96 -12.33
C GLY A 1094 42.75 -26.26 -13.58
N LEU A 1095 42.08 -25.16 -13.96
CA LEU A 1095 42.56 -24.38 -15.10
C LEU A 1095 43.96 -23.86 -14.85
N VAL A 1096 44.23 -23.36 -13.65
CA VAL A 1096 45.54 -22.82 -13.34
C VAL A 1096 46.60 -23.93 -13.35
N LEU A 1097 46.27 -25.09 -12.76
CA LEU A 1097 47.24 -26.15 -12.53
C LEU A 1097 47.24 -27.20 -13.64
N VAL A 1098 46.10 -27.83 -13.88
CA VAL A 1098 46.01 -28.92 -14.84
C VAL A 1098 46.35 -28.37 -16.23
N PRO A 1099 47.32 -28.93 -16.96
CA PRO A 1099 47.74 -28.29 -18.21
C PRO A 1099 46.93 -28.72 -19.42
N GLY A 1100 46.42 -27.74 -20.16
CA GLY A 1100 45.77 -27.99 -21.44
C GLY A 1100 44.58 -28.93 -21.39
N LEU A 1101 43.52 -28.50 -20.71
CA LEU A 1101 42.24 -29.21 -20.73
C LEU A 1101 41.10 -28.30 -21.14
N LEU A 1102 41.10 -27.04 -20.68
CA LEU A 1102 40.14 -26.04 -21.09
C LEU A 1102 40.84 -24.78 -21.60
N GLN A 1103 42.14 -24.86 -21.86
CA GLN A 1103 42.90 -23.73 -22.36
C GLN A 1103 42.85 -23.59 -23.87
N GLY A 1104 42.16 -24.49 -24.56
CA GLY A 1104 41.90 -24.34 -25.97
C GLY A 1104 40.82 -23.28 -26.19
N PRO A 1105 39.64 -23.50 -25.62
CA PRO A 1105 38.58 -22.47 -25.70
C PRO A 1105 39.04 -21.15 -25.11
N LEU A 1106 39.46 -21.16 -23.85
CA LEU A 1106 39.99 -19.98 -23.19
C LEU A 1106 41.47 -19.87 -23.51
N ALA A 1107 41.85 -18.80 -24.22
CA ALA A 1107 43.21 -18.69 -24.73
C ALA A 1107 44.19 -18.40 -23.60
N LEU A 1108 44.66 -19.45 -22.93
CA LEU A 1108 45.63 -19.35 -21.85
C LEU A 1108 46.93 -19.99 -22.30
N ARG A 1109 48.05 -19.51 -21.73
CA ARG A 1109 49.37 -19.83 -22.24
C ARG A 1109 50.10 -20.92 -21.43
N ASN A 1110 49.45 -21.53 -20.45
CA ASN A 1110 50.00 -22.73 -19.80
C ASN A 1110 51.37 -22.46 -19.16
N ILE A 1111 51.33 -21.67 -18.08
CA ILE A 1111 52.54 -21.42 -17.31
C ILE A 1111 53.18 -22.76 -16.94
N THR A 1112 54.47 -22.91 -17.26
CA THR A 1112 55.17 -24.16 -17.02
C THR A 1112 55.87 -24.20 -15.67
N ASP A 1113 56.26 -23.05 -15.13
CA ASP A 1113 56.98 -23.02 -13.86
C ASP A 1113 56.02 -23.28 -12.72
N THR A 1114 56.24 -24.37 -11.97
CA THR A 1114 55.33 -24.75 -10.90
C THR A 1114 55.38 -23.74 -9.76
N GLY A 1115 56.57 -23.25 -9.41
CA GLY A 1115 56.68 -22.36 -8.28
C GLY A 1115 55.87 -21.09 -8.45
N PHE A 1116 55.86 -20.53 -9.65
CA PHE A 1116 55.08 -19.33 -9.90
C PHE A 1116 53.59 -19.61 -9.77
N LYS A 1117 53.13 -20.78 -10.23
CA LYS A 1117 51.72 -21.14 -10.08
C LYS A 1117 51.35 -21.28 -8.60
N LEU A 1118 52.21 -21.92 -7.81
CA LEU A 1118 51.96 -22.00 -6.38
C LEU A 1118 51.95 -20.62 -5.75
N LEU A 1119 52.82 -19.72 -6.22
CA LEU A 1119 52.83 -18.35 -5.70
C LEU A 1119 51.52 -17.64 -6.02
N LEU A 1120 51.00 -17.83 -7.23
CA LEU A 1120 49.71 -17.23 -7.58
C LEU A 1120 48.61 -17.77 -6.68
N LEU A 1121 48.60 -19.09 -6.45
CA LEU A 1121 47.60 -19.66 -5.56
C LEU A 1121 47.71 -19.08 -4.15
N GLY A 1122 48.94 -18.95 -3.65
CA GLY A 1122 49.12 -18.37 -2.33
C GLY A 1122 48.66 -16.94 -2.27
N LEU A 1123 48.93 -16.17 -3.32
CA LEU A 1123 48.52 -14.77 -3.35
C LEU A 1123 47.00 -14.65 -3.35
N VAL A 1124 46.31 -15.49 -4.12
CA VAL A 1124 44.86 -15.39 -4.14
C VAL A 1124 44.27 -15.89 -2.82
N THR A 1125 44.91 -16.87 -2.18
CA THR A 1125 44.49 -17.28 -0.84
C THR A 1125 44.64 -16.14 0.16
N LEU A 1126 45.74 -15.40 0.05
CA LEU A 1126 45.93 -14.22 0.87
C LEU A 1126 44.81 -13.21 0.63
N ASN A 1127 44.43 -13.02 -0.64
CA ASN A 1127 43.32 -12.13 -0.93
C ASN A 1127 42.02 -12.62 -0.31
N PHE A 1128 41.78 -13.93 -0.38
CA PHE A 1128 40.58 -14.53 0.22
C PHE A 1128 40.50 -14.23 1.72
N VAL A 1129 41.54 -14.57 2.45
CA VAL A 1129 41.51 -14.40 3.90
C VAL A 1129 41.49 -12.90 4.25
N GLY A 1130 42.21 -12.09 3.50
CA GLY A 1130 42.21 -10.66 3.75
C GLY A 1130 40.83 -10.05 3.55
N ALA A 1131 40.14 -10.45 2.49
CA ALA A 1131 38.81 -9.91 2.23
C ALA A 1131 37.83 -10.30 3.33
N PHE A 1132 37.85 -11.57 3.73
CA PHE A 1132 36.93 -11.99 4.80
C PHE A 1132 37.23 -11.27 6.11
N MET A 1133 38.51 -11.20 6.49
CA MET A 1133 38.87 -10.48 7.70
C MET A 1133 38.54 -9.00 7.62
N LEU A 1134 38.68 -8.40 6.44
CA LEU A 1134 38.35 -6.99 6.25
C LEU A 1134 36.85 -6.77 6.47
N GLU A 1135 36.02 -7.62 5.88
CA GLU A 1135 34.58 -7.50 6.09
C GLU A 1135 34.24 -7.66 7.57
N SER A 1136 34.85 -8.65 8.23
CA SER A 1136 34.55 -8.90 9.64
C SER A 1136 34.93 -7.70 10.51
N VAL A 1137 36.16 -7.21 10.36
CA VAL A 1137 36.63 -6.12 11.20
C VAL A 1137 35.85 -4.85 10.90
N LEU A 1138 35.50 -4.62 9.63
CA LEU A 1138 34.69 -3.46 9.30
C LEU A 1138 33.34 -3.53 10.00
N ASP A 1139 32.65 -4.67 9.88
CA ASP A 1139 31.34 -4.80 10.50
C ASP A 1139 31.41 -4.67 12.02
N GLN A 1140 32.48 -5.16 12.63
CA GLN A 1140 32.58 -5.18 14.09
C GLN A 1140 33.30 -3.98 14.69
N CYS A 1141 33.80 -3.04 13.86
CA CYS A 1141 34.48 -1.87 14.40
C CYS A 1141 34.18 -0.56 13.70
N LEU A 1142 33.30 -0.52 12.70
CA LEU A 1142 32.96 0.74 12.05
C LEU A 1142 31.95 1.56 12.86
N PRO A 1143 30.90 0.96 13.44
CA PRO A 1143 29.97 1.77 14.24
C PRO A 1143 30.66 2.54 15.37
N ALA A 1144 31.65 1.94 16.02
CA ALA A 1144 32.36 2.66 17.07
C ALA A 1144 33.06 3.89 16.53
N CYS A 1145 33.72 3.76 15.38
CA CYS A 1145 34.38 4.92 14.78
C CYS A 1145 33.37 5.98 14.36
N LEU A 1146 32.24 5.57 13.79
CA LEU A 1146 31.22 6.53 13.40
C LEU A 1146 30.68 7.30 14.61
N ARG A 1147 30.40 6.59 15.71
CA ARG A 1147 29.89 7.27 16.90
C ARG A 1147 30.95 8.17 17.52
N ARG A 1148 32.21 7.72 17.57
CA ARG A 1148 33.26 8.52 18.18
C ARG A 1148 33.59 9.77 17.38
N LEU A 1149 33.14 9.84 16.13
CA LEU A 1149 33.36 11.00 15.27
C LEU A 1149 32.03 11.72 15.07
N ARG A 1150 31.98 13.00 15.43
CA ARG A 1150 30.76 13.79 15.31
C ARG A 1150 29.68 13.15 16.17
N PRO A 1151 29.85 13.10 17.49
CA PRO A 1151 28.85 12.44 18.34
C PRO A 1151 27.49 13.11 18.33
N LYS A 1152 27.39 14.37 17.92
CA LYS A 1152 26.11 15.06 17.83
C LYS A 1152 25.37 14.52 16.60
N ARG A 1153 24.69 13.39 16.79
CA ARG A 1153 24.03 12.73 15.66
C ARG A 1153 22.80 13.51 15.23
N ALA A 1154 21.79 13.59 16.10
CA ALA A 1154 20.57 14.35 15.85
C ALA A 1154 19.95 13.97 14.51
N SER A 1155 19.47 12.73 14.46
CA SER A 1155 19.00 12.12 13.21
C SER A 1155 18.06 13.03 12.45
N LYS A 1156 18.24 13.07 11.13
CA LYS A 1156 17.62 14.09 10.29
C LYS A 1156 16.17 13.80 9.96
N LYS A 1157 15.68 12.58 10.22
CA LYS A 1157 14.30 12.26 9.91
C LYS A 1157 13.35 13.13 10.70
N ARG A 1158 12.29 13.60 10.02
CA ARG A 1158 11.42 14.62 10.61
C ARG A 1158 10.73 14.10 11.86
N PHE A 1159 10.25 12.86 11.82
CA PHE A 1159 9.54 12.34 12.99
C PHE A 1159 10.47 12.16 14.17
N LYS A 1160 11.72 11.76 13.92
CA LYS A 1160 12.68 11.66 15.02
C LYS A 1160 12.96 13.04 15.62
N GLN A 1161 13.09 14.06 14.77
CA GLN A 1161 13.28 15.41 15.26
C GLN A 1161 12.11 15.86 16.12
N LEU A 1162 10.89 15.60 15.67
CA LEU A 1162 9.71 15.95 16.46
C LEU A 1162 9.66 15.16 17.76
N GLU A 1163 10.05 13.89 17.71
CA GLU A 1163 10.08 13.08 18.92
C GLU A 1163 11.04 13.67 19.95
N ARG A 1164 12.22 14.10 19.50
CA ARG A 1164 13.16 14.74 20.42
C ARG A 1164 12.60 16.05 20.95
N GLU A 1165 11.99 16.86 20.08
CA GLU A 1165 11.44 18.13 20.51
C GLU A 1165 10.37 17.93 21.58
N LEU A 1166 9.50 16.93 21.39
CA LEU A 1166 8.49 16.63 22.39
C LEU A 1166 9.12 16.06 23.66
N ALA A 1167 10.19 15.27 23.52
CA ALA A 1167 10.86 14.73 24.70
C ALA A 1167 11.41 15.83 25.58
N GLU A 1168 12.04 16.84 24.97
CA GLU A 1168 12.51 17.97 25.75
C GLU A 1168 11.34 18.75 26.36
N GLN A 1169 10.32 19.04 25.55
CA GLN A 1169 9.19 19.88 25.95
C GLN A 1169 7.90 19.17 25.53
N PRO A 1170 7.31 18.35 26.41
CA PRO A 1170 6.08 17.66 26.03
C PRO A 1170 4.96 18.64 25.72
N TRP A 1171 4.45 18.57 24.49
CA TRP A 1171 3.49 19.56 24.04
C TRP A 1171 2.21 19.57 24.87
N PRO A 1172 1.58 18.45 25.17
CA PRO A 1172 0.42 18.48 26.08
C PRO A 1172 0.88 18.67 27.51
N PRO A 1173 0.62 19.84 28.13
CA PRO A 1173 1.16 19.99 29.49
C PRO A 1173 0.49 19.09 30.51
#